data_2CVC
#
_entry.id   2CVC
#
_cell.length_a   108.67
_cell.length_b   108.67
_cell.length_c   103.89
_cell.angle_alpha   90.00
_cell.angle_beta   90.00
_cell.angle_gamma   120.00
#
_symmetry.space_group_name_H-M   'P 62'
#
loop_
_entity.id
_entity.type
_entity.pdbx_description
1 polymer 'High-molecular-weight cytochrome c precursor'
2 non-polymer 'HEME C'
3 water water
#
_entity_poly.entity_id   1
_entity_poly.type   'polypeptide(L)'
_entity_poly.pdbx_seq_one_letter_code
;MRNGRTLLRWAGVLAATAIIGVGGFWSQGTTKALPEGPGEKRADLIEIGAMERFGKLDLPKVAFRHDQHTTAVTGMGKDC
AACHKSKDGKMSLKFMRLDDNSAAELKEIYHANCIGCHTDLAKAGKKTGPQDGECRSCHNPKPSAASSWKEIGFDKSLHY
RHVASKAIKPVGDPQKNCGACHHVYDEASKKLVWGKNKEDSCRACHGEKPVDKRPALDTAAHTACISCHMDVAKTKAETG
PVNCAGCHAPEAQAKFKVVREVPRLDRGQPDAALILPVPGKDAPREMKGTMKPVAFDHKAHEAKANDCRTCHHVRIDTCT
ACHTVNGTADSKFVQLEKAMHQPDSMRSCVGCHNTRVQQPTCAGCHGFIKPTKSDAQCGVCHVAAPGFDAKQVEAGALLN
LKAEQRSQVAASMLSARPQPKGTFDLNDIPEKVVIGSIAKEYQPSEFPHRKIVKTLIAGIGEDKLAATFHIEKGTLCQGC
HHNSPASLTPPKCASCHGKPFDADRGDRPGLKAAYHQQCMGCHDRMKIEKPANTACVDCHKERAK
;
_entity_poly.pdbx_strand_id   A
#
loop_
_chem_comp.id
_chem_comp.type
_chem_comp.name
_chem_comp.formula
HEC non-polymer 'HEME C' 'C34 H34 Fe N4 O4'
#
# COMPACT_ATOMS: atom_id res chain seq x y z
N GLU A 40 6.07 -22.48 19.57
CA GLU A 40 4.68 -22.89 19.23
C GLU A 40 4.17 -22.17 18.00
N LYS A 41 4.74 -21.00 17.70
CA LYS A 41 4.37 -20.25 16.50
C LYS A 41 5.01 -20.85 15.25
N ARG A 42 4.16 -21.29 14.33
CA ARG A 42 4.64 -21.91 13.09
C ARG A 42 3.93 -21.30 11.89
N ALA A 43 4.63 -21.22 10.77
CA ALA A 43 4.06 -20.67 9.55
C ALA A 43 3.84 -21.78 8.52
N ASP A 44 4.08 -23.02 8.93
CA ASP A 44 4.10 -24.14 7.99
C ASP A 44 2.96 -25.13 8.21
N LEU A 45 1.90 -24.70 8.88
CA LEU A 45 0.81 -25.62 9.19
C LEU A 45 -0.12 -25.84 8.01
N ILE A 46 -0.49 -27.09 7.78
CA ILE A 46 -1.54 -27.43 6.84
C ILE A 46 -2.57 -28.27 7.57
N GLU A 47 -3.84 -27.88 7.45
CA GLU A 47 -4.93 -28.65 8.04
C GLU A 47 -5.54 -29.49 6.94
N ILE A 48 -5.18 -30.77 6.90
CA ILE A 48 -5.59 -31.63 5.81
C ILE A 48 -7.05 -32.03 5.96
N GLY A 49 -7.87 -31.58 5.01
CA GLY A 49 -9.30 -31.77 5.10
C GLY A 49 -9.92 -31.96 3.74
N ALA A 50 -9.13 -32.48 2.81
CA ALA A 50 -9.52 -32.57 1.41
C ALA A 50 -10.76 -33.42 1.14
N MET A 51 -10.99 -34.48 1.91
CA MET A 51 -12.16 -35.29 1.58
C MET A 51 -13.49 -34.76 2.10
N GLU A 52 -13.45 -33.65 2.83
CA GLU A 52 -14.68 -33.04 3.32
C GLU A 52 -15.58 -32.63 2.16
N ARG A 53 -14.99 -32.41 0.99
CA ARG A 53 -15.78 -32.06 -0.18
C ARG A 53 -16.70 -33.22 -0.55
N PHE A 54 -16.23 -34.44 -0.30
CA PHE A 54 -17.00 -35.62 -0.64
C PHE A 54 -18.07 -35.95 0.39
N GLY A 55 -18.00 -35.30 1.56
CA GLY A 55 -19.00 -35.52 2.58
C GLY A 55 -18.52 -35.22 3.99
N LYS A 56 -19.43 -35.33 4.95
CA LYS A 56 -19.09 -35.10 6.36
C LYS A 56 -17.95 -36.02 6.82
N LEU A 57 -16.99 -35.45 7.53
CA LEU A 57 -15.86 -36.21 8.04
C LEU A 57 -16.22 -36.95 9.34
N ASP A 58 -15.80 -38.20 9.45
CA ASP A 58 -16.01 -38.97 10.67
C ASP A 58 -15.07 -38.47 11.78
N LEU A 59 -13.84 -38.17 11.40
CA LEU A 59 -12.84 -37.75 12.37
C LEU A 59 -12.29 -36.37 12.02
N PRO A 60 -11.64 -35.69 12.98
CA PRO A 60 -11.09 -34.37 12.71
C PRO A 60 -10.15 -34.33 11.52
N LYS A 61 -9.95 -33.14 10.98
CA LYS A 61 -8.94 -32.93 9.95
C LYS A 61 -7.57 -33.16 10.59
N VAL A 62 -6.55 -33.32 9.75
CA VAL A 62 -5.23 -33.74 10.23
C VAL A 62 -4.20 -32.62 10.07
N ALA A 63 -3.68 -32.13 11.19
CA ALA A 63 -2.69 -31.06 11.16
C ALA A 63 -1.33 -31.61 10.72
N PHE A 64 -0.68 -30.90 9.80
CA PHE A 64 0.56 -31.36 9.17
C PHE A 64 1.55 -30.19 9.14
N ARG A 65 2.73 -30.41 9.71
CA ARG A 65 3.80 -29.41 9.68
C ARG A 65 4.71 -29.63 8.49
N HIS A 66 4.59 -28.80 7.47
CA HIS A 66 5.26 -29.05 6.20
C HIS A 66 6.78 -28.88 6.33
N ASP A 67 7.22 -27.81 6.99
CA ASP A 67 8.66 -27.55 7.15
C ASP A 67 9.32 -28.62 8.02
N GLN A 68 8.63 -29.08 9.05
CA GLN A 68 9.15 -30.17 9.87
C GLN A 68 9.37 -31.42 9.00
N HIS A 69 8.47 -31.64 8.05
CA HIS A 69 8.57 -32.81 7.20
C HIS A 69 9.65 -32.72 6.12
N THR A 70 9.75 -31.59 5.43
CA THR A 70 10.77 -31.44 4.39
C THR A 70 12.18 -31.50 4.99
N THR A 71 12.33 -30.96 6.20
CA THR A 71 13.63 -31.02 6.87
C THR A 71 14.03 -32.47 7.11
N ALA A 72 13.11 -33.26 7.67
CA ALA A 72 13.40 -34.67 7.94
C ALA A 72 13.64 -35.45 6.64
N VAL A 73 12.80 -35.21 5.64
CA VAL A 73 12.93 -35.89 4.35
C VAL A 73 14.27 -35.58 3.70
N THR A 74 14.67 -34.32 3.76
CA THR A 74 15.96 -33.91 3.23
C THR A 74 17.08 -34.68 3.92
N GLY A 75 16.98 -34.75 5.24
CA GLY A 75 18.01 -35.43 6.02
C GLY A 75 18.14 -36.90 5.71
N MET A 76 17.07 -37.50 5.21
CA MET A 76 17.10 -38.92 4.86
C MET A 76 17.36 -39.12 3.37
N GLY A 77 17.78 -38.06 2.71
CA GLY A 77 18.28 -38.19 1.35
C GLY A 77 17.21 -38.15 0.28
N LYS A 78 16.03 -37.63 0.63
CA LYS A 78 14.94 -37.53 -0.34
C LYS A 78 14.61 -36.07 -0.61
N ASP A 79 13.56 -35.82 -1.39
CA ASP A 79 13.12 -34.47 -1.71
C ASP A 79 11.60 -34.43 -1.90
N CYS A 80 11.10 -33.36 -2.52
CA CYS A 80 9.66 -33.19 -2.73
C CYS A 80 9.02 -34.42 -3.36
N ALA A 81 9.76 -35.09 -4.25
CA ALA A 81 9.21 -36.22 -4.99
C ALA A 81 8.75 -37.34 -4.06
N ALA A 82 9.24 -37.33 -2.82
CA ALA A 82 8.80 -38.31 -1.84
C ALA A 82 7.30 -38.22 -1.60
N CYS A 83 6.72 -37.06 -1.86
CA CYS A 83 5.31 -36.81 -1.53
C CYS A 83 4.51 -36.16 -2.64
N HIS A 84 5.19 -35.52 -3.58
CA HIS A 84 4.51 -34.83 -4.67
C HIS A 84 4.85 -35.46 -6.01
N LYS A 85 3.82 -35.78 -6.79
CA LYS A 85 4.04 -36.25 -8.13
C LYS A 85 4.16 -35.07 -9.09
N SER A 86 4.68 -35.34 -10.28
CA SER A 86 4.76 -34.32 -11.32
C SER A 86 4.09 -34.84 -12.58
N LYS A 87 3.60 -33.90 -13.40
CA LYS A 87 2.99 -34.26 -14.68
C LYS A 87 3.46 -33.26 -15.72
N ASP A 88 4.34 -33.72 -16.61
CA ASP A 88 4.88 -32.87 -17.66
C ASP A 88 5.73 -31.74 -17.09
N GLY A 89 6.64 -32.09 -16.20
CA GLY A 89 7.57 -31.10 -15.67
C GLY A 89 6.98 -30.13 -14.65
N LYS A 90 5.68 -30.28 -14.37
CA LYS A 90 5.04 -29.45 -13.36
C LYS A 90 4.71 -30.28 -12.12
N MET A 91 5.20 -29.85 -10.96
CA MET A 91 4.94 -30.58 -9.73
C MET A 91 3.53 -30.30 -9.23
N SER A 92 2.77 -31.36 -8.96
CA SER A 92 1.48 -31.20 -8.30
C SER A 92 1.69 -30.81 -6.85
N LEU A 93 0.82 -29.93 -6.36
CA LEU A 93 0.85 -29.49 -4.97
C LEU A 93 -0.02 -30.38 -4.10
N LYS A 94 -0.67 -31.36 -4.73
CA LYS A 94 -1.43 -32.36 -4.00
C LYS A 94 -0.51 -33.44 -3.45
N PHE A 95 -0.96 -34.11 -2.37
CA PHE A 95 -0.19 -35.20 -1.78
C PHE A 95 -0.37 -36.52 -2.54
N MET A 96 0.71 -36.98 -3.15
CA MET A 96 0.76 -38.31 -3.77
C MET A 96 -0.37 -38.61 -4.75
N ARG A 97 -0.73 -37.65 -5.58
CA ARG A 97 -1.80 -37.85 -6.55
C ARG A 97 -1.91 -36.66 -7.48
N LEU A 98 -2.58 -36.87 -8.62
CA LEU A 98 -2.80 -35.80 -9.59
C LEU A 98 -4.25 -35.33 -9.60
N ASP A 99 -5.16 -36.20 -9.17
CA ASP A 99 -6.58 -35.85 -9.08
C ASP A 99 -7.23 -36.37 -7.80
N ASP A 100 -8.35 -35.77 -7.43
CA ASP A 100 -9.20 -36.28 -6.36
C ASP A 100 -10.43 -36.97 -6.97
N ASN A 101 -10.39 -38.30 -7.05
CA ASN A 101 -11.40 -39.03 -7.81
C ASN A 101 -12.57 -39.52 -6.96
N SER A 102 -12.30 -39.84 -5.71
CA SER A 102 -13.35 -40.32 -4.82
C SER A 102 -12.90 -40.16 -3.38
N ALA A 103 -13.84 -40.27 -2.45
CA ALA A 103 -13.51 -40.26 -1.02
C ALA A 103 -12.65 -41.46 -0.69
N ALA A 104 -13.05 -42.63 -1.20
CA ALA A 104 -12.35 -43.88 -0.90
C ALA A 104 -10.90 -43.83 -1.37
N GLU A 105 -10.70 -43.36 -2.59
CA GLU A 105 -9.36 -43.32 -3.18
C GLU A 105 -8.45 -42.37 -2.39
N LEU A 106 -9.02 -41.24 -1.98
CA LEU A 106 -8.27 -40.21 -1.27
C LEU A 106 -7.83 -40.74 0.10
N LYS A 107 -8.74 -41.42 0.79
CA LYS A 107 -8.44 -41.96 2.11
C LYS A 107 -7.29 -42.97 2.04
N GLU A 108 -7.28 -43.79 1.00
CA GLU A 108 -6.24 -44.80 0.86
C GLU A 108 -4.89 -44.17 0.54
N ILE A 109 -4.91 -43.14 -0.30
CA ILE A 109 -3.67 -42.42 -0.62
C ILE A 109 -3.04 -41.84 0.64
N TYR A 110 -3.83 -41.18 1.48
CA TYR A 110 -3.31 -40.62 2.71
C TYR A 110 -2.81 -41.68 3.69
N HIS A 111 -3.65 -42.69 3.95
CA HIS A 111 -3.26 -43.68 4.94
C HIS A 111 -2.07 -44.51 4.47
N ALA A 112 -2.11 -44.97 3.22
CA ALA A 112 -1.02 -45.80 2.71
C ALA A 112 0.31 -45.05 2.76
N ASN A 113 0.32 -43.80 2.30
CA ASN A 113 1.57 -43.07 2.16
C ASN A 113 2.02 -42.33 3.41
N CYS A 114 1.11 -41.65 4.09
CA CYS A 114 1.47 -41.00 5.35
C CYS A 114 2.00 -42.02 6.35
N ILE A 115 1.25 -43.10 6.55
CA ILE A 115 1.58 -44.06 7.59
C ILE A 115 2.75 -44.96 7.19
N GLY A 116 2.84 -45.26 5.90
CA GLY A 116 3.89 -46.12 5.41
C GLY A 116 5.28 -45.59 5.75
N CYS A 117 5.51 -44.31 5.54
CA CYS A 117 6.79 -43.72 5.89
C CYS A 117 7.03 -43.75 7.39
N HIS A 118 6.00 -43.41 8.16
CA HIS A 118 6.12 -43.42 9.62
C HIS A 118 6.47 -44.82 10.11
N THR A 119 5.94 -45.84 9.44
CA THR A 119 6.16 -47.21 9.88
C THR A 119 7.59 -47.61 9.58
N ASP A 120 8.03 -47.34 8.35
CA ASP A 120 9.37 -47.74 7.93
C ASP A 120 10.44 -47.08 8.77
N LEU A 121 10.22 -45.83 9.15
CA LEU A 121 11.17 -45.13 9.99
C LEU A 121 11.21 -45.76 11.37
N ALA A 122 10.04 -46.19 11.85
CA ALA A 122 9.94 -46.81 13.18
C ALA A 122 10.77 -48.09 13.24
N LYS A 123 10.64 -48.96 12.25
CA LYS A 123 11.38 -50.21 12.32
C LYS A 123 12.86 -50.02 12.03
N ALA A 124 13.23 -48.87 11.45
CA ALA A 124 14.62 -48.50 11.29
C ALA A 124 15.15 -47.85 12.57
N GLY A 125 14.26 -47.61 13.52
CA GLY A 125 14.67 -47.02 14.79
C GLY A 125 14.92 -45.53 14.69
N LYS A 126 14.31 -44.88 13.71
CA LYS A 126 14.50 -43.44 13.51
C LYS A 126 13.33 -42.62 14.04
N LYS A 127 13.61 -41.35 14.35
CA LYS A 127 12.56 -40.37 14.66
C LYS A 127 11.44 -40.50 13.62
N THR A 128 10.18 -40.52 14.09
CA THR A 128 9.07 -40.78 13.19
C THR A 128 7.77 -40.15 13.69
N GLY A 129 6.69 -40.33 12.92
CA GLY A 129 5.40 -39.79 13.29
C GLY A 129 4.46 -40.87 13.79
N PRO A 130 3.15 -40.57 13.96
CA PRO A 130 2.19 -41.56 14.45
C PRO A 130 2.15 -42.86 13.65
N GLN A 131 1.92 -43.96 14.36
CA GLN A 131 1.84 -45.28 13.73
C GLN A 131 0.40 -45.58 13.31
N ASP A 132 0.21 -46.67 12.57
CA ASP A 132 -1.08 -46.89 11.92
C ASP A 132 -2.22 -46.92 12.92
N GLY A 133 -1.93 -47.27 14.15
CA GLY A 133 -2.99 -47.50 15.12
C GLY A 133 -3.30 -46.28 15.98
N GLU A 134 -2.48 -45.24 15.83
CA GLU A 134 -2.64 -44.04 16.62
C GLU A 134 -3.54 -43.03 15.90
N CYS A 135 -4.81 -43.42 15.72
CA CYS A 135 -5.76 -42.61 14.95
C CYS A 135 -5.77 -41.16 15.41
N ARG A 136 -5.91 -40.94 16.71
CA ARG A 136 -6.07 -39.58 17.23
C ARG A 136 -4.79 -38.76 17.11
N SER A 137 -3.64 -39.42 17.05
CA SER A 137 -2.37 -38.70 16.97
C SER A 137 -2.25 -37.89 15.68
N CYS A 138 -2.85 -38.38 14.61
CA CYS A 138 -2.99 -37.55 13.39
C CYS A 138 -4.32 -36.82 13.39
N HIS A 139 -5.39 -37.55 13.67
CA HIS A 139 -6.73 -36.97 13.68
C HIS A 139 -6.95 -36.30 15.04
N ASN A 140 -6.21 -35.21 15.27
CA ASN A 140 -6.08 -34.60 16.58
C ASN A 140 -7.12 -33.50 16.76
N PRO A 141 -8.05 -33.67 17.71
CA PRO A 141 -9.09 -32.67 17.97
C PRO A 141 -8.58 -31.35 18.53
N LYS A 142 -7.36 -31.37 19.08
CA LYS A 142 -6.75 -30.15 19.61
C LYS A 142 -5.71 -29.61 18.64
N PRO A 143 -5.65 -28.28 18.47
CA PRO A 143 -4.68 -27.64 17.57
C PRO A 143 -3.23 -28.05 17.79
N SER A 144 -2.48 -28.17 16.70
CA SER A 144 -1.08 -28.60 16.74
C SER A 144 -0.19 -27.53 17.33
N ALA A 145 -0.18 -26.36 16.70
CA ALA A 145 0.61 -25.23 17.16
C ALA A 145 -0.15 -23.94 16.88
N ALA A 146 0.42 -22.82 17.29
CA ALA A 146 -0.12 -21.51 16.93
C ALA A 146 0.43 -21.13 15.55
N SER A 147 -0.24 -20.19 14.90
CA SER A 147 0.15 -19.79 13.54
C SER A 147 0.79 -18.41 13.49
N SER A 148 2.01 -18.36 12.99
CA SER A 148 2.70 -17.09 12.75
C SER A 148 2.60 -16.71 11.28
N TRP A 149 1.85 -17.51 10.52
CA TRP A 149 1.77 -17.35 9.07
C TRP A 149 1.42 -15.91 8.68
N LYS A 150 2.21 -15.34 7.78
CA LYS A 150 1.92 -14.01 7.23
C LYS A 150 1.97 -14.07 5.71
N GLU A 151 1.03 -13.37 5.08
CA GLU A 151 1.00 -13.21 3.63
C GLU A 151 2.31 -12.56 3.16
N ILE A 152 2.70 -12.80 1.91
CA ILE A 152 3.89 -12.17 1.36
C ILE A 152 3.61 -11.50 0.01
N GLY A 153 4.30 -10.39 -0.23
CA GLY A 153 4.13 -9.69 -1.49
C GLY A 153 5.37 -8.94 -1.95
N PHE A 154 5.36 -8.52 -3.21
CA PHE A 154 6.45 -7.75 -3.79
C PHE A 154 6.19 -6.26 -3.61
N ASP A 155 6.97 -5.60 -2.77
CA ASP A 155 7.05 -4.15 -2.86
C ASP A 155 8.01 -3.88 -4.02
N LYS A 156 8.27 -2.61 -4.33
CA LYS A 156 9.04 -2.33 -5.53
C LYS A 156 10.49 -2.80 -5.39
N SER A 157 10.98 -2.82 -4.16
CA SER A 157 12.33 -3.31 -3.90
C SER A 157 12.46 -4.78 -4.27
N LEU A 158 11.56 -5.61 -3.72
CA LEU A 158 11.61 -7.04 -4.01
C LEU A 158 11.34 -7.34 -5.48
N HIS A 159 10.43 -6.60 -6.10
CA HIS A 159 10.15 -6.82 -7.52
C HIS A 159 11.40 -6.49 -8.33
N TYR A 160 12.08 -5.41 -7.96
CA TYR A 160 13.29 -5.01 -8.65
C TYR A 160 14.44 -5.99 -8.42
N ARG A 161 14.53 -6.55 -7.21
CA ARG A 161 15.57 -7.54 -6.96
C ARG A 161 15.42 -8.75 -7.87
N HIS A 162 14.18 -9.04 -8.29
CA HIS A 162 13.93 -10.10 -9.25
C HIS A 162 14.25 -9.64 -10.67
N VAL A 163 13.77 -8.45 -11.05
CA VAL A 163 14.07 -7.91 -12.36
C VAL A 163 15.59 -7.87 -12.57
N ALA A 164 16.31 -7.48 -11.52
CA ALA A 164 17.75 -7.25 -11.62
C ALA A 164 18.58 -8.53 -11.55
N SER A 165 17.95 -9.68 -11.29
CA SER A 165 18.70 -10.92 -11.09
C SER A 165 19.23 -11.50 -12.40
N LYS A 166 20.54 -11.75 -12.44
CA LYS A 166 21.17 -12.38 -13.59
C LYS A 166 20.64 -13.79 -13.79
N ALA A 167 20.17 -14.40 -12.70
CA ALA A 167 19.67 -15.77 -12.74
C ALA A 167 18.33 -15.86 -13.46
N ILE A 168 17.68 -14.71 -13.66
CA ILE A 168 16.43 -14.67 -14.41
C ILE A 168 16.67 -14.08 -15.79
N LYS A 169 16.67 -14.95 -16.81
CA LYS A 169 17.16 -14.59 -18.13
C LYS A 169 16.11 -13.87 -18.99
N PRO A 170 16.57 -12.99 -19.90
CA PRO A 170 15.63 -12.27 -20.76
C PRO A 170 14.77 -13.23 -21.58
N VAL A 171 13.52 -12.81 -21.82
CA VAL A 171 12.55 -13.61 -22.57
C VAL A 171 11.92 -12.78 -23.68
N GLY A 172 11.98 -13.28 -24.91
CA GLY A 172 11.33 -12.60 -26.01
C GLY A 172 11.85 -11.19 -26.25
N ASP A 173 13.10 -10.96 -25.89
CA ASP A 173 13.65 -9.60 -25.87
C ASP A 173 15.13 -9.69 -25.52
N PRO A 174 15.96 -8.82 -26.11
CA PRO A 174 17.39 -8.85 -25.80
C PRO A 174 17.71 -8.55 -24.35
N GLN A 175 16.83 -7.83 -23.68
CA GLN A 175 17.12 -7.34 -22.34
C GLN A 175 16.03 -7.61 -21.31
N LYS A 176 14.77 -7.56 -21.74
CA LYS A 176 13.66 -7.65 -20.79
C LYS A 176 13.44 -9.04 -20.20
N ASN A 177 13.16 -9.02 -18.89
CA ASN A 177 13.02 -10.19 -18.03
C ASN A 177 11.56 -10.58 -17.84
N CYS A 178 10.67 -9.68 -18.24
CA CYS A 178 9.27 -9.72 -17.83
C CYS A 178 8.58 -11.02 -18.19
N GLY A 179 8.94 -11.57 -19.36
CA GLY A 179 8.26 -12.72 -19.89
C GLY A 179 8.55 -14.00 -19.11
N ALA A 180 9.54 -13.93 -18.22
CA ALA A 180 9.85 -15.06 -17.36
C ALA A 180 8.76 -15.28 -16.30
N CYS A 181 7.89 -14.29 -16.11
CA CYS A 181 6.92 -14.33 -15.02
C CYS A 181 5.52 -13.89 -15.37
N HIS A 182 5.40 -12.94 -16.30
CA HIS A 182 4.10 -12.35 -16.63
C HIS A 182 3.53 -12.89 -17.93
N HIS A 183 2.23 -13.16 -17.92
CA HIS A 183 1.56 -13.68 -19.10
C HIS A 183 0.16 -13.11 -19.28
N VAL A 184 -0.36 -13.24 -20.49
CA VAL A 184 -1.79 -13.14 -20.75
C VAL A 184 -2.18 -14.36 -21.57
N TYR A 185 -3.47 -14.69 -21.55
CA TYR A 185 -3.94 -15.81 -22.37
C TYR A 185 -4.15 -15.32 -23.79
N ASP A 186 -3.51 -15.98 -24.76
CA ASP A 186 -3.68 -15.62 -26.17
C ASP A 186 -4.74 -16.51 -26.83
N GLU A 187 -5.89 -15.93 -27.12
CA GLU A 187 -7.03 -16.68 -27.64
C GLU A 187 -6.75 -17.36 -28.97
N ALA A 188 -5.80 -16.81 -29.73
CA ALA A 188 -5.52 -17.31 -31.08
C ALA A 188 -4.75 -18.62 -31.02
N SER A 189 -3.70 -18.65 -30.21
CA SER A 189 -2.86 -19.83 -30.06
C SER A 189 -3.41 -20.72 -28.96
N LYS A 190 -4.40 -20.22 -28.23
CA LYS A 190 -5.01 -20.95 -27.12
C LYS A 190 -4.00 -21.29 -26.03
N LYS A 191 -3.09 -20.37 -25.76
CA LYS A 191 -2.12 -20.56 -24.68
C LYS A 191 -1.62 -19.24 -24.08
N LEU A 192 -0.89 -19.35 -22.97
CA LEU A 192 -0.31 -18.19 -22.31
C LEU A 192 0.92 -17.71 -23.07
N VAL A 193 1.04 -16.39 -23.20
CA VAL A 193 2.19 -15.77 -23.82
C VAL A 193 2.51 -14.52 -22.99
N TRP A 194 3.74 -14.00 -23.12
CA TRP A 194 4.07 -12.74 -22.49
C TRP A 194 3.35 -11.61 -23.21
N GLY A 195 2.59 -10.83 -22.46
CA GLY A 195 1.92 -9.67 -23.03
C GLY A 195 2.72 -8.44 -22.71
N LYS A 196 3.49 -7.96 -23.68
CA LYS A 196 4.40 -6.84 -23.45
C LYS A 196 3.59 -5.65 -22.97
N ASN A 197 4.07 -4.99 -21.90
CA ASN A 197 3.35 -3.88 -21.29
C ASN A 197 1.91 -4.19 -20.88
N LYS A 198 1.60 -5.46 -20.65
CA LYS A 198 0.32 -5.82 -20.03
C LYS A 198 0.55 -6.63 -18.76
N GLU A 199 1.75 -6.47 -18.20
CA GLU A 199 2.12 -7.13 -16.95
C GLU A 199 1.34 -6.50 -15.82
N ASP A 200 0.90 -7.34 -14.88
CA ASP A 200 0.17 -6.85 -13.71
C ASP A 200 0.46 -7.79 -12.54
N SER A 201 0.09 -7.36 -11.34
CA SER A 201 0.15 -8.26 -10.18
C SER A 201 -0.67 -9.52 -10.46
N CYS A 202 -0.26 -10.64 -9.87
CA CYS A 202 -0.95 -11.91 -10.09
C CYS A 202 -2.40 -11.81 -9.61
N ARG A 203 -2.62 -11.02 -8.57
CA ARG A 203 -3.95 -10.86 -7.97
C ARG A 203 -4.96 -10.31 -8.97
N ALA A 204 -4.48 -9.65 -10.02
CA ALA A 204 -5.36 -9.03 -10.99
C ALA A 204 -6.19 -10.06 -11.76
N CYS A 205 -5.69 -11.30 -11.87
CA CYS A 205 -6.37 -12.34 -12.62
C CYS A 205 -6.53 -13.66 -11.87
N HIS A 206 -5.85 -13.80 -10.74
CA HIS A 206 -5.95 -15.03 -9.95
C HIS A 206 -6.55 -14.70 -8.60
N GLY A 207 -7.71 -15.29 -8.30
CA GLY A 207 -8.46 -14.91 -7.12
C GLY A 207 -8.40 -15.95 -6.01
N GLU A 208 -9.29 -15.79 -5.03
CA GLU A 208 -9.32 -16.68 -3.88
C GLU A 208 -9.71 -18.08 -4.31
N LYS A 209 -10.44 -18.18 -5.41
CA LYS A 209 -10.86 -19.47 -5.94
C LYS A 209 -10.57 -19.54 -7.43
N PRO A 210 -10.33 -20.76 -7.94
CA PRO A 210 -10.04 -20.93 -9.37
C PRO A 210 -11.27 -20.71 -10.24
N VAL A 211 -11.29 -19.58 -10.95
CA VAL A 211 -12.34 -19.31 -11.92
C VAL A 211 -11.92 -19.81 -13.30
N ASP A 212 -12.77 -20.65 -13.89
CA ASP A 212 -12.45 -21.25 -15.18
C ASP A 212 -11.16 -22.07 -15.07
N LYS A 213 -10.17 -21.74 -15.89
CA LYS A 213 -8.89 -22.42 -15.84
C LYS A 213 -7.77 -21.53 -15.30
N ARG A 214 -8.14 -20.38 -14.75
CA ARG A 214 -7.22 -19.57 -13.97
C ARG A 214 -7.15 -20.15 -12.56
N PRO A 215 -5.97 -20.63 -12.14
CA PRO A 215 -5.95 -21.17 -10.79
C PRO A 215 -6.15 -20.06 -9.75
N ALA A 216 -6.43 -20.45 -8.51
CA ALA A 216 -6.50 -19.50 -7.42
C ALA A 216 -5.12 -18.89 -7.24
N LEU A 217 -5.05 -17.76 -6.55
CA LEU A 217 -3.78 -17.07 -6.33
C LEU A 217 -2.76 -17.95 -5.62
N ASP A 218 -3.18 -18.65 -4.56
CA ASP A 218 -2.21 -19.42 -3.81
C ASP A 218 -1.60 -20.53 -4.67
N THR A 219 -2.42 -21.17 -5.49
CA THR A 219 -1.91 -22.20 -6.41
C THR A 219 -0.98 -21.57 -7.43
N ALA A 220 -1.39 -20.44 -7.97
CA ALA A 220 -0.62 -19.76 -9.00
C ALA A 220 0.77 -19.42 -8.48
N ALA A 221 0.83 -18.81 -7.29
CA ALA A 221 2.08 -18.38 -6.71
C ALA A 221 2.91 -19.58 -6.27
N HIS A 222 2.28 -20.56 -5.64
CA HIS A 222 3.01 -21.69 -5.12
C HIS A 222 3.65 -22.46 -6.27
N THR A 223 2.94 -22.51 -7.39
CA THR A 223 3.44 -23.19 -8.57
C THR A 223 4.61 -22.41 -9.17
N ALA A 224 4.36 -21.17 -9.60
CA ALA A 224 5.36 -20.42 -10.37
C ALA A 224 6.56 -19.96 -9.52
N CYS A 225 6.29 -19.43 -8.33
CA CYS A 225 7.36 -18.87 -7.50
C CYS A 225 8.32 -19.94 -7.00
N ILE A 226 7.79 -20.98 -6.35
CA ILE A 226 8.64 -21.95 -5.69
C ILE A 226 9.40 -22.79 -6.70
N SER A 227 8.75 -23.11 -7.83
CA SER A 227 9.38 -23.88 -8.90
C SER A 227 10.65 -23.19 -9.38
N CYS A 228 10.55 -21.89 -9.66
CA CYS A 228 11.71 -21.16 -10.14
C CYS A 228 12.79 -21.13 -9.07
N HIS A 229 12.40 -20.80 -7.85
CA HIS A 229 13.36 -20.76 -6.75
C HIS A 229 14.16 -22.05 -6.64
N MET A 230 13.48 -23.18 -6.80
CA MET A 230 14.15 -24.47 -6.72
C MET A 230 15.09 -24.72 -7.90
N ASP A 231 14.75 -24.21 -9.07
CA ASP A 231 15.62 -24.38 -10.23
C ASP A 231 16.89 -23.55 -10.09
N VAL A 232 16.75 -22.29 -9.71
CA VAL A 232 17.91 -21.42 -9.52
C VAL A 232 18.79 -21.98 -8.39
N ALA A 233 18.17 -22.62 -7.40
CA ALA A 233 18.92 -23.20 -6.30
C ALA A 233 19.92 -24.26 -6.77
N LYS A 234 19.59 -24.95 -7.86
CA LYS A 234 20.45 -26.00 -8.41
C LYS A 234 21.76 -25.42 -8.96
N THR A 235 21.70 -24.17 -9.40
CA THR A 235 22.85 -23.52 -10.00
C THR A 235 23.65 -22.81 -8.92
N LYS A 236 23.11 -22.82 -7.71
CA LYS A 236 23.76 -22.20 -6.57
C LYS A 236 23.98 -20.69 -6.72
N ALA A 237 23.38 -20.11 -7.76
CA ALA A 237 23.21 -18.67 -7.81
C ALA A 237 22.13 -18.30 -6.80
N GLU A 238 22.25 -17.12 -6.19
CA GLU A 238 21.31 -16.70 -5.15
C GLU A 238 19.87 -16.90 -5.61
N THR A 239 19.01 -17.38 -4.72
CA THR A 239 17.63 -17.71 -5.07
C THR A 239 16.64 -17.34 -3.96
N GLY A 240 15.38 -17.67 -4.19
CA GLY A 240 14.34 -17.37 -3.22
C GLY A 240 13.99 -18.56 -2.34
N PRO A 241 13.21 -18.35 -1.27
CA PRO A 241 12.81 -19.43 -0.38
C PRO A 241 11.96 -20.54 -0.97
N VAL A 242 12.12 -21.74 -0.41
CA VAL A 242 11.33 -22.89 -0.78
C VAL A 242 10.52 -23.40 0.41
N ASN A 243 11.01 -23.13 1.62
CA ASN A 243 10.31 -23.49 2.87
C ASN A 243 9.13 -22.57 3.13
N CYS A 244 8.11 -23.11 3.79
CA CYS A 244 6.92 -22.32 4.12
C CYS A 244 7.32 -21.10 4.96
N ALA A 245 8.14 -21.34 5.97
CA ALA A 245 8.55 -20.28 6.88
C ALA A 245 9.38 -19.25 6.12
N GLY A 246 10.10 -19.71 5.11
CA GLY A 246 10.98 -18.84 4.36
C GLY A 246 10.24 -17.71 3.66
N CYS A 247 8.95 -17.93 3.37
CA CYS A 247 8.13 -16.88 2.77
C CYS A 247 7.13 -16.29 3.75
N HIS A 248 6.52 -17.13 4.56
CA HIS A 248 5.36 -16.72 5.36
C HIS A 248 5.67 -16.44 6.82
N ALA A 249 6.91 -16.64 7.25
CA ALA A 249 7.28 -16.35 8.64
C ALA A 249 7.70 -14.89 8.79
N PRO A 250 7.07 -14.17 9.73
CA PRO A 250 7.42 -12.75 9.93
C PRO A 250 8.92 -12.56 10.17
N GLU A 251 9.53 -13.52 10.85
CA GLU A 251 10.96 -13.48 11.16
C GLU A 251 11.81 -13.58 9.89
N ALA A 252 11.40 -14.44 8.96
CA ALA A 252 12.11 -14.57 7.70
C ALA A 252 11.94 -13.30 6.87
N GLN A 253 10.73 -12.75 6.89
CA GLN A 253 10.41 -11.58 6.08
C GLN A 253 11.28 -10.38 6.46
N ALA A 254 11.52 -10.21 7.75
CA ALA A 254 12.30 -9.08 8.26
C ALA A 254 13.73 -9.11 7.72
N LYS A 255 14.18 -10.28 7.28
CA LYS A 255 15.58 -10.47 6.90
C LYS A 255 15.85 -10.23 5.42
N PHE A 256 14.81 -10.15 4.61
CA PHE A 256 14.98 -9.90 3.17
C PHE A 256 15.74 -8.60 2.94
N LYS A 257 16.77 -8.66 2.09
CA LYS A 257 17.51 -7.47 1.70
C LYS A 257 16.59 -6.48 0.97
N VAL A 258 16.65 -5.22 1.37
CA VAL A 258 15.84 -4.18 0.74
C VAL A 258 16.70 -3.18 -0.02
N VAL A 259 16.21 -2.74 -1.17
CA VAL A 259 16.92 -1.76 -1.98
C VAL A 259 16.24 -0.40 -1.86
N ARG A 260 17.01 0.60 -1.45
CA ARG A 260 16.44 1.89 -1.08
C ARG A 260 16.12 2.74 -2.31
N GLU A 261 17.08 2.87 -3.22
CA GLU A 261 16.84 3.56 -4.47
C GLU A 261 16.49 2.56 -5.57
N VAL A 262 15.20 2.47 -5.88
CA VAL A 262 14.71 1.47 -6.82
C VAL A 262 14.39 2.08 -8.17
N PRO A 263 15.02 1.58 -9.24
CA PRO A 263 14.78 2.10 -10.60
C PRO A 263 13.30 2.02 -10.96
N ARG A 264 12.87 2.89 -11.85
CA ARG A 264 11.47 2.90 -12.28
C ARG A 264 11.09 1.61 -12.99
N LEU A 265 9.89 1.12 -12.72
CA LEU A 265 9.37 -0.06 -13.39
C LEU A 265 8.52 0.37 -14.58
N ASP A 266 9.09 0.27 -15.77
CA ASP A 266 8.47 0.87 -16.94
C ASP A 266 7.64 -0.14 -17.72
N ARG A 267 6.35 0.14 -17.80
CA ARG A 267 5.38 -0.76 -18.37
C ARG A 267 4.55 0.06 -19.36
N GLY A 268 5.09 1.22 -19.74
CA GLY A 268 4.46 2.02 -20.77
C GLY A 268 3.45 3.02 -20.22
N GLN A 269 3.51 3.27 -18.91
CA GLN A 269 2.58 4.21 -18.28
C GLN A 269 3.02 5.66 -18.57
N PRO A 270 2.06 6.60 -18.55
CA PRO A 270 2.41 8.00 -18.81
C PRO A 270 3.24 8.63 -17.70
N ASP A 271 4.07 9.63 -18.05
CA ASP A 271 4.73 10.43 -17.04
C ASP A 271 3.68 11.41 -16.52
N ALA A 272 2.89 11.93 -17.45
CA ALA A 272 1.85 12.92 -17.12
C ALA A 272 0.49 12.40 -17.56
N ALA A 273 -0.44 12.29 -16.62
CA ALA A 273 -1.77 11.79 -16.91
C ALA A 273 -2.81 12.90 -16.89
N LEU A 274 -3.82 12.76 -17.73
CA LEU A 274 -4.94 13.69 -17.79
C LEU A 274 -6.21 12.96 -17.33
N ILE A 275 -6.66 13.27 -16.11
CA ILE A 275 -7.82 12.60 -15.54
C ILE A 275 -9.06 13.45 -15.80
N LEU A 276 -10.05 12.87 -16.48
CA LEU A 276 -11.23 13.60 -16.89
C LEU A 276 -12.50 13.02 -16.28
N PRO A 277 -13.53 13.86 -16.12
CA PRO A 277 -14.80 13.41 -15.54
C PRO A 277 -15.52 12.49 -16.55
N VAL A 278 -15.09 11.24 -16.59
CA VAL A 278 -15.61 10.28 -17.56
C VAL A 278 -17.01 9.84 -17.17
N PRO A 279 -18.01 10.10 -18.03
CA PRO A 279 -19.40 9.71 -17.75
C PRO A 279 -19.69 8.21 -17.86
N GLY A 280 -19.14 7.58 -18.89
CA GLY A 280 -19.42 6.17 -19.10
C GLY A 280 -20.75 5.92 -19.82
N LYS A 281 -20.84 4.76 -20.47
CA LYS A 281 -21.93 4.47 -21.39
C LYS A 281 -23.28 4.29 -20.70
N ASP A 282 -23.25 3.76 -19.49
CA ASP A 282 -24.48 3.42 -18.77
C ASP A 282 -25.10 4.63 -18.08
N ALA A 283 -26.34 4.46 -17.64
CA ALA A 283 -27.08 5.49 -16.93
C ALA A 283 -27.43 6.66 -17.83
N PRO A 284 -28.52 6.54 -18.62
CA PRO A 284 -28.96 7.61 -19.53
C PRO A 284 -30.19 8.34 -18.97
N ARG A 285 -30.09 9.65 -18.75
CA ARG A 285 -28.89 10.43 -19.03
C ARG A 285 -27.81 10.12 -17.99
N GLU A 286 -26.55 10.37 -18.36
CA GLU A 286 -25.44 10.17 -17.45
C GLU A 286 -24.95 11.49 -16.87
N MET A 287 -24.39 11.44 -15.67
CA MET A 287 -23.81 12.62 -15.03
C MET A 287 -22.61 13.12 -15.81
N LYS A 288 -22.50 14.42 -15.95
CA LYS A 288 -21.30 15.05 -16.53
C LYS A 288 -20.50 15.75 -15.44
N GLY A 289 -19.25 16.08 -15.77
CA GLY A 289 -18.38 16.76 -14.81
C GLY A 289 -18.76 18.22 -14.62
N THR A 290 -18.30 18.80 -13.51
CA THR A 290 -18.65 20.17 -13.18
C THR A 290 -17.40 21.00 -12.86
N MET A 291 -16.25 20.32 -12.75
CA MET A 291 -15.00 20.96 -12.35
C MET A 291 -14.04 21.04 -13.53
N LYS A 292 -12.98 21.85 -13.39
CA LYS A 292 -11.85 21.80 -14.31
C LYS A 292 -11.16 20.44 -14.23
N PRO A 293 -10.52 20.01 -15.32
CA PRO A 293 -9.82 18.71 -15.34
C PRO A 293 -8.59 18.68 -14.45
N VAL A 294 -8.04 17.49 -14.25
CA VAL A 294 -6.87 17.35 -13.39
C VAL A 294 -5.70 16.66 -14.07
N ALA A 295 -4.58 17.37 -14.17
CA ALA A 295 -3.32 16.76 -14.59
C ALA A 295 -2.56 16.20 -13.38
N PHE A 296 -1.91 15.06 -13.60
CA PHE A 296 -1.34 14.27 -12.52
C PHE A 296 0.10 13.88 -12.90
N ASP A 297 1.06 14.21 -12.04
CA ASP A 297 2.46 13.84 -12.30
C ASP A 297 2.67 12.38 -11.89
N HIS A 298 2.37 11.48 -12.82
CA HIS A 298 2.38 10.05 -12.54
C HIS A 298 3.78 9.56 -12.23
N LYS A 299 4.78 10.14 -12.91
CA LYS A 299 6.15 9.68 -12.72
C LYS A 299 6.70 10.05 -11.36
N ALA A 300 6.43 11.28 -10.92
CA ALA A 300 6.89 11.70 -9.60
C ALA A 300 6.25 10.84 -8.51
N HIS A 301 4.97 10.49 -8.69
CA HIS A 301 4.27 9.70 -7.68
C HIS A 301 4.78 8.26 -7.58
N GLU A 302 5.16 7.67 -8.71
CA GLU A 302 5.81 6.36 -8.70
C GLU A 302 7.02 6.36 -7.79
N ALA A 303 7.87 7.36 -7.94
CA ALA A 303 9.13 7.41 -7.19
C ALA A 303 8.89 7.39 -5.70
N LYS A 304 7.78 8.01 -5.27
CA LYS A 304 7.48 8.11 -3.85
C LYS A 304 6.52 7.02 -3.32
N ALA A 305 5.90 6.25 -4.21
CA ALA A 305 5.03 5.16 -3.79
C ALA A 305 5.83 3.85 -3.70
N ASN A 306 5.26 2.85 -3.04
CA ASN A 306 6.01 1.64 -2.75
C ASN A 306 5.67 0.48 -3.68
N ASP A 307 4.70 0.70 -4.57
CA ASP A 307 4.35 -0.28 -5.59
C ASP A 307 3.40 0.42 -6.56
N CYS A 308 2.72 -0.36 -7.41
CA CYS A 308 1.67 0.20 -8.26
C CYS A 308 0.28 0.01 -7.64
N ARG A 309 0.11 -1.13 -6.96
CA ARG A 309 -1.21 -1.59 -6.49
C ARG A 309 -1.84 -0.64 -5.49
N THR A 310 -1.02 0.08 -4.73
CA THR A 310 -1.51 1.04 -3.75
C THR A 310 -2.65 1.87 -4.34
N CYS A 311 -2.47 2.30 -5.59
CA CYS A 311 -3.49 3.08 -6.27
C CYS A 311 -4.30 2.20 -7.20
N HIS A 312 -3.62 1.40 -8.01
CA HIS A 312 -4.30 0.51 -8.95
C HIS A 312 -4.74 -0.76 -8.22
N HIS A 313 -5.74 -0.61 -7.35
CA HIS A 313 -6.06 -1.62 -6.33
C HIS A 313 -6.73 -2.89 -6.88
N VAL A 314 -7.26 -2.81 -8.10
CA VAL A 314 -7.86 -3.98 -8.74
C VAL A 314 -6.98 -4.49 -9.88
N ARG A 315 -6.58 -3.58 -10.76
CA ARG A 315 -5.71 -3.91 -11.88
C ARG A 315 -5.14 -2.62 -12.46
N ILE A 316 -4.03 -2.73 -13.16
CA ILE A 316 -3.49 -1.59 -13.90
C ILE A 316 -4.44 -1.22 -15.03
N ASP A 317 -4.82 0.05 -15.06
CA ASP A 317 -5.82 0.54 -16.01
C ASP A 317 -6.04 2.01 -15.65
N THR A 318 -7.03 2.64 -16.27
CA THR A 318 -7.48 3.92 -15.74
C THR A 318 -8.18 3.68 -14.41
N CYS A 319 -8.65 4.75 -13.78
CA CYS A 319 -9.56 4.63 -12.65
C CYS A 319 -10.97 4.75 -13.18
N THR A 320 -11.12 5.56 -14.22
CA THR A 320 -12.42 5.89 -14.77
C THR A 320 -13.04 4.71 -15.52
N ALA A 321 -12.27 3.64 -15.71
CA ALA A 321 -12.82 2.43 -16.31
C ALA A 321 -13.98 1.91 -15.44
N CYS A 322 -13.85 2.10 -14.13
CA CYS A 322 -14.88 1.65 -13.20
C CYS A 322 -15.50 2.83 -12.46
N HIS A 323 -14.65 3.72 -11.96
CA HIS A 323 -15.13 4.91 -11.27
C HIS A 323 -15.45 6.00 -12.27
N THR A 324 -16.60 5.85 -12.95
CA THR A 324 -17.16 6.92 -13.77
C THR A 324 -17.76 7.98 -12.85
N VAL A 325 -18.12 9.13 -13.41
CA VAL A 325 -18.64 10.22 -12.58
C VAL A 325 -19.79 9.72 -11.70
N ASN A 326 -20.59 8.81 -12.25
CA ASN A 326 -21.81 8.32 -11.59
C ASN A 326 -21.54 7.01 -10.85
N GLY A 327 -20.39 6.40 -11.12
CA GLY A 327 -20.10 5.08 -10.58
C GLY A 327 -20.73 4.00 -11.43
N THR A 328 -20.21 2.78 -11.33
CA THR A 328 -20.76 1.66 -12.10
C THR A 328 -20.83 0.43 -11.20
N ALA A 329 -21.50 -0.61 -11.69
CA ALA A 329 -21.52 -1.88 -10.98
C ALA A 329 -20.08 -2.36 -10.72
N ASP A 330 -19.19 -2.10 -11.67
CA ASP A 330 -17.81 -2.55 -11.55
C ASP A 330 -17.00 -1.83 -10.48
N SER A 331 -17.49 -0.68 -10.02
CA SER A 331 -16.88 -0.01 -8.89
C SER A 331 -17.80 -0.14 -7.67
N LYS A 332 -18.76 -1.05 -7.75
CA LYS A 332 -19.81 -1.13 -6.74
C LYS A 332 -20.36 0.27 -6.47
N PHE A 333 -20.44 1.05 -7.55
CA PHE A 333 -21.03 2.38 -7.56
C PHE A 333 -20.29 3.44 -6.75
N VAL A 334 -19.05 3.14 -6.38
CA VAL A 334 -18.15 4.18 -5.87
C VAL A 334 -17.84 5.13 -7.02
N GLN A 335 -18.23 6.39 -6.86
CA GLN A 335 -18.14 7.39 -7.92
C GLN A 335 -16.73 7.96 -8.07
N LEU A 336 -16.45 8.55 -9.22
CA LEU A 336 -15.14 9.16 -9.47
C LEU A 336 -14.77 10.10 -8.33
N GLU A 337 -15.73 10.90 -7.87
CA GLU A 337 -15.47 11.86 -6.80
C GLU A 337 -14.93 11.17 -5.56
N LYS A 338 -15.56 10.07 -5.17
CA LYS A 338 -15.10 9.33 -3.98
C LYS A 338 -13.72 8.73 -4.22
N ALA A 339 -13.51 8.18 -5.41
CA ALA A 339 -12.25 7.51 -5.74
C ALA A 339 -11.08 8.48 -5.61
N MET A 340 -11.35 9.77 -5.81
CA MET A 340 -10.28 10.75 -5.85
C MET A 340 -10.16 11.60 -4.58
N HIS A 341 -11.22 11.61 -3.75
CA HIS A 341 -11.27 12.51 -2.57
C HIS A 341 -11.49 11.82 -1.21
N GLN A 342 -11.85 10.53 -1.23
CA GLN A 342 -12.08 9.78 0.02
C GLN A 342 -10.98 10.11 1.03
N PRO A 343 -11.32 10.89 2.07
CA PRO A 343 -10.35 11.31 3.10
C PRO A 343 -9.64 10.25 3.93
N ASP A 344 -10.12 9.01 3.89
CA ASP A 344 -9.56 7.97 4.75
C ASP A 344 -8.97 6.79 3.98
N SER A 345 -8.94 6.89 2.66
CA SER A 345 -8.40 5.82 1.83
C SER A 345 -7.00 6.16 1.33
N MET A 346 -6.10 5.18 1.33
CA MET A 346 -4.76 5.40 0.78
C MET A 346 -4.76 5.47 -0.74
N ARG A 347 -5.89 5.12 -1.35
CA ARG A 347 -5.98 5.07 -2.81
C ARG A 347 -6.30 6.41 -3.45
N SER A 348 -6.92 7.32 -2.68
CA SER A 348 -7.40 8.58 -3.23
C SER A 348 -6.35 9.67 -3.09
N CYS A 349 -6.42 10.67 -3.95
CA CYS A 349 -5.47 11.78 -3.90
C CYS A 349 -5.47 12.37 -2.50
N VAL A 350 -6.64 12.75 -2.03
CA VAL A 350 -6.76 13.45 -0.75
C VAL A 350 -6.44 12.52 0.41
N GLY A 351 -6.89 11.27 0.29
CA GLY A 351 -6.66 10.30 1.34
C GLY A 351 -5.19 10.00 1.58
N CYS A 352 -4.45 9.70 0.52
CA CYS A 352 -3.03 9.43 0.71
C CYS A 352 -2.30 10.66 1.23
N HIS A 353 -2.63 11.82 0.68
CA HIS A 353 -2.03 13.06 1.15
C HIS A 353 -2.33 13.26 2.65
N ASN A 354 -3.54 12.91 3.07
CA ASN A 354 -3.93 12.97 4.47
C ASN A 354 -3.06 12.11 5.40
N THR A 355 -2.59 10.96 4.94
CA THR A 355 -1.69 10.16 5.76
C THR A 355 -0.33 10.87 5.84
N ARG A 356 0.04 11.52 4.74
CA ARG A 356 1.31 12.23 4.67
C ARG A 356 1.40 13.29 5.76
N VAL A 357 0.34 14.05 5.96
CA VAL A 357 0.37 15.14 6.92
C VAL A 357 0.29 14.68 8.38
N GLN A 358 0.23 13.37 8.60
CA GLN A 358 0.28 12.85 9.96
C GLN A 358 1.73 12.67 10.47
N GLN A 359 2.70 12.95 9.60
CA GLN A 359 4.09 13.03 10.04
C GLN A 359 4.24 14.14 11.07
N PRO A 360 5.07 13.92 12.11
CA PRO A 360 5.25 14.96 13.13
C PRO A 360 5.64 16.33 12.58
N THR A 361 6.38 16.34 11.47
CA THR A 361 6.82 17.59 10.88
C THR A 361 5.63 18.37 10.32
N CYS A 362 4.58 17.65 9.95
CA CYS A 362 3.35 18.26 9.43
C CYS A 362 2.23 18.33 10.47
N ALA A 363 2.20 17.35 11.37
CA ALA A 363 1.05 17.15 12.24
C ALA A 363 0.84 18.29 13.23
N GLY A 364 1.90 19.03 13.53
CA GLY A 364 1.77 20.16 14.43
C GLY A 364 0.69 21.10 13.98
N CYS A 365 0.75 21.53 12.72
CA CYS A 365 -0.30 22.38 12.16
C CYS A 365 -1.50 21.56 11.71
N HIS A 366 -1.24 20.42 11.08
CA HIS A 366 -2.32 19.70 10.44
C HIS A 366 -3.25 18.97 11.41
N GLY A 367 -2.78 18.81 12.64
CA GLY A 367 -3.65 18.27 13.68
C GLY A 367 -4.44 19.38 14.36
N PHE A 368 -4.21 20.62 13.95
CA PHE A 368 -4.91 21.74 14.56
C PHE A 368 -5.88 22.39 13.59
N ILE A 369 -5.48 22.51 12.32
CA ILE A 369 -6.28 23.27 11.36
C ILE A 369 -7.46 22.49 10.79
N LYS A 370 -8.44 23.23 10.30
CA LYS A 370 -9.58 22.67 9.60
C LYS A 370 -9.51 23.06 8.11
N PRO A 371 -9.75 22.11 7.21
CA PRO A 371 -9.70 22.41 5.77
C PRO A 371 -10.71 23.51 5.40
N THR A 372 -10.35 24.33 4.42
CA THR A 372 -11.25 25.39 3.95
C THR A 372 -12.16 24.91 2.83
N LYS A 373 -11.69 23.95 2.03
CA LYS A 373 -12.38 23.57 0.81
C LYS A 373 -12.62 24.81 -0.06
N SER A 374 -11.75 25.80 0.06
CA SER A 374 -11.83 27.02 -0.75
C SER A 374 -11.63 26.69 -2.23
N ASP A 375 -12.17 27.53 -3.09
CA ASP A 375 -11.96 27.41 -4.54
C ASP A 375 -10.48 27.29 -4.86
N ALA A 376 -9.67 28.07 -4.15
CA ALA A 376 -8.24 28.14 -4.42
C ALA A 376 -7.60 26.78 -4.18
N GLN A 377 -7.95 26.16 -3.05
CA GLN A 377 -7.41 24.84 -2.73
C GLN A 377 -7.87 23.80 -3.73
N CYS A 378 -9.14 23.85 -4.13
CA CYS A 378 -9.62 22.92 -5.17
C CYS A 378 -8.79 23.11 -6.43
N GLY A 379 -8.41 24.36 -6.68
CA GLY A 379 -7.73 24.70 -7.91
C GLY A 379 -6.29 24.20 -7.98
N VAL A 380 -5.76 23.67 -6.88
CA VAL A 380 -4.42 23.09 -6.93
C VAL A 380 -4.40 21.90 -7.89
N CYS A 381 -5.47 21.11 -7.88
CA CYS A 381 -5.57 19.95 -8.75
C CYS A 381 -6.40 20.23 -10.00
N HIS A 382 -7.55 20.88 -9.82
CA HIS A 382 -8.45 21.15 -10.93
C HIS A 382 -8.00 22.43 -11.64
N VAL A 383 -7.38 22.28 -12.80
CA VAL A 383 -6.78 23.42 -13.52
C VAL A 383 -7.23 23.49 -14.98
N ALA A 384 -7.13 24.67 -15.58
CA ALA A 384 -7.57 24.85 -16.95
C ALA A 384 -6.69 24.09 -17.95
N ALA A 385 -7.29 23.53 -18.99
CA ALA A 385 -6.53 22.89 -20.06
C ALA A 385 -6.28 23.90 -21.18
N PRO A 386 -5.07 23.88 -21.76
CA PRO A 386 -4.74 24.81 -22.85
C PRO A 386 -5.54 24.54 -24.12
N GLY A 387 -6.14 25.59 -24.67
CA GLY A 387 -6.83 25.46 -25.95
C GLY A 387 -8.25 24.92 -25.83
N PHE A 388 -8.65 24.59 -24.60
CA PHE A 388 -9.99 24.05 -24.37
C PHE A 388 -10.78 24.89 -23.38
N ASP A 389 -12.07 25.00 -23.62
CA ASP A 389 -12.97 25.68 -22.70
C ASP A 389 -13.57 24.66 -21.73
N ALA A 390 -14.33 25.13 -20.75
CA ALA A 390 -14.98 24.25 -19.78
C ALA A 390 -16.08 23.40 -20.45
N LYS A 391 -16.77 24.00 -21.42
CA LYS A 391 -17.90 23.34 -22.07
C LYS A 391 -17.47 22.10 -22.85
N GLN A 392 -16.25 22.13 -23.37
CA GLN A 392 -15.75 21.07 -24.25
C GLN A 392 -15.18 19.91 -23.44
N VAL A 393 -14.58 20.23 -22.29
CA VAL A 393 -14.02 19.21 -21.41
C VAL A 393 -15.10 18.30 -20.83
N GLU A 394 -16.11 18.90 -20.19
CA GLU A 394 -17.25 18.13 -19.71
C GLU A 394 -18.24 17.88 -20.84
N ALA A 395 -17.71 17.85 -22.06
CA ALA A 395 -18.45 17.33 -23.21
C ALA A 395 -17.74 16.08 -23.74
N GLY A 396 -16.51 15.88 -23.28
CA GLY A 396 -15.75 14.70 -23.64
C GLY A 396 -14.70 14.95 -24.70
N ALA A 397 -14.54 16.22 -25.07
CA ALA A 397 -13.63 16.61 -26.16
C ALA A 397 -12.28 15.92 -26.02
N LEU A 398 -11.95 15.51 -24.81
CA LEU A 398 -10.61 14.99 -24.51
C LEU A 398 -10.56 13.46 -24.41
N LEU A 399 -11.72 12.82 -24.49
CA LEU A 399 -11.83 11.40 -24.12
C LEU A 399 -11.07 10.43 -25.02
N ASN A 400 -11.03 10.73 -26.32
CA ASN A 400 -10.45 9.78 -27.28
C ASN A 400 -9.10 10.22 -27.83
N LEU A 401 -8.52 11.26 -27.26
CA LEU A 401 -7.18 11.70 -27.65
C LEU A 401 -6.17 10.58 -27.40
N LYS A 402 -5.17 10.48 -28.27
CA LYS A 402 -4.13 9.48 -28.11
C LYS A 402 -3.28 9.75 -26.87
N ALA A 403 -2.76 8.69 -26.26
CA ALA A 403 -2.03 8.78 -25.01
C ALA A 403 -0.91 9.81 -25.07
N GLU A 404 -0.23 9.89 -26.22
CA GLU A 404 0.86 10.82 -26.40
C GLU A 404 0.37 12.27 -26.38
N GLN A 405 -0.85 12.47 -26.89
CA GLN A 405 -1.40 13.81 -27.00
C GLN A 405 -1.93 14.32 -25.66
N ARG A 406 -2.61 13.45 -24.92
CA ARG A 406 -3.13 13.84 -23.61
C ARG A 406 -1.98 14.07 -22.64
N SER A 407 -0.86 13.38 -22.87
CA SER A 407 0.34 13.60 -22.09
C SER A 407 0.89 15.00 -22.34
N GLN A 408 0.84 15.44 -23.59
CA GLN A 408 1.29 16.78 -23.94
C GLN A 408 0.42 17.80 -23.22
N VAL A 409 -0.89 17.58 -23.28
CA VAL A 409 -1.85 18.45 -22.61
C VAL A 409 -1.63 18.46 -21.10
N ALA A 410 -1.44 17.28 -20.53
CA ALA A 410 -1.26 17.17 -19.08
C ALA A 410 0.07 17.78 -18.64
N ALA A 411 1.13 17.48 -19.37
CA ALA A 411 2.44 18.03 -19.04
C ALA A 411 2.39 19.55 -19.09
N SER A 412 1.61 20.06 -20.05
CA SER A 412 1.41 21.50 -20.20
C SER A 412 0.71 22.05 -18.96
N MET A 413 -0.36 21.39 -18.54
CA MET A 413 -1.07 21.80 -17.33
C MET A 413 -0.17 21.76 -16.11
N LEU A 414 0.66 20.72 -16.01
CA LEU A 414 1.59 20.63 -14.90
C LEU A 414 2.61 21.77 -14.88
N SER A 415 3.19 22.09 -16.04
CA SER A 415 4.24 23.11 -16.09
C SER A 415 3.69 24.52 -15.95
N ALA A 416 2.40 24.68 -16.28
CA ALA A 416 1.74 25.98 -16.22
C ALA A 416 1.32 26.37 -14.81
N ARG A 417 1.34 25.41 -13.88
CA ARG A 417 1.03 25.71 -12.50
C ARG A 417 2.06 26.73 -12.01
N PRO A 418 1.60 27.76 -11.29
CA PRO A 418 2.52 28.79 -10.79
C PRO A 418 3.67 28.24 -9.94
N GLN A 419 4.80 28.94 -9.96
CA GLN A 419 5.94 28.56 -9.14
C GLN A 419 5.60 28.75 -7.67
N PRO A 420 6.14 27.88 -6.80
CA PRO A 420 5.87 27.97 -5.36
C PRO A 420 6.16 29.36 -4.81
N LYS A 421 5.16 29.96 -4.17
CA LYS A 421 5.32 31.32 -3.65
C LYS A 421 6.12 31.34 -2.35
N GLY A 422 6.42 30.16 -1.82
CA GLY A 422 7.13 30.09 -0.55
C GLY A 422 6.41 30.89 0.52
N THR A 423 7.15 31.30 1.54
CA THR A 423 6.58 32.00 2.68
C THR A 423 7.14 33.41 2.78
N PHE A 424 6.41 34.28 3.47
CA PHE A 424 6.93 35.60 3.82
C PHE A 424 8.36 35.50 4.32
N ASP A 425 9.13 36.57 4.13
CA ASP A 425 10.47 36.64 4.69
C ASP A 425 10.33 36.69 6.21
N LEU A 426 10.91 35.71 6.89
CA LEU A 426 10.71 35.54 8.32
C LEU A 426 11.23 36.71 9.14
N ASN A 427 12.08 37.53 8.52
CA ASN A 427 12.59 38.73 9.19
C ASN A 427 11.49 39.79 9.26
N ASP A 428 10.38 39.53 8.58
CA ASP A 428 9.26 40.47 8.56
C ASP A 428 8.17 40.16 9.58
N ILE A 429 8.41 39.17 10.44
CA ILE A 429 7.51 38.87 11.54
C ILE A 429 8.24 39.05 12.86
N PRO A 430 7.52 39.41 13.94
CA PRO A 430 8.19 39.60 15.24
C PRO A 430 8.99 38.38 15.67
N GLU A 431 10.19 38.62 16.20
CA GLU A 431 11.07 37.51 16.59
C GLU A 431 10.56 36.89 17.88
N LYS A 432 10.10 37.73 18.79
CA LYS A 432 9.51 37.27 20.03
C LYS A 432 8.29 38.10 20.37
N VAL A 433 7.19 37.43 20.68
CA VAL A 433 5.99 38.12 21.12
C VAL A 433 5.73 37.84 22.60
N VAL A 434 5.22 38.83 23.31
CA VAL A 434 4.85 38.64 24.70
C VAL A 434 3.36 38.32 24.81
N ILE A 435 3.06 37.17 25.38
CA ILE A 435 1.68 36.74 25.55
C ILE A 435 1.33 36.89 27.03
N GLY A 436 0.66 37.99 27.35
CA GLY A 436 0.40 38.30 28.74
C GLY A 436 -0.95 38.93 28.98
N SER A 437 -1.81 38.86 27.97
CA SER A 437 -3.13 39.47 28.05
C SER A 437 -3.87 39.08 29.33
N ILE A 438 -3.69 37.84 29.76
CA ILE A 438 -4.41 37.33 30.92
C ILE A 438 -3.48 36.96 32.06
N ALA A 439 -2.26 37.50 32.04
CA ALA A 439 -1.30 37.20 33.09
C ALA A 439 -1.94 37.40 34.46
N LYS A 440 -1.62 36.52 35.40
CA LYS A 440 -2.22 36.58 36.72
C LYS A 440 -1.48 35.70 37.71
N GLU A 441 -1.40 34.40 37.40
CA GLU A 441 -0.73 33.45 38.27
C GLU A 441 0.74 33.33 37.91
N TYR A 442 1.04 33.59 36.65
CA TYR A 442 2.41 33.55 36.16
C TYR A 442 2.75 34.84 35.45
N GLN A 443 4.02 34.99 35.08
CA GLN A 443 4.43 36.12 34.25
C GLN A 443 3.94 35.90 32.84
N PRO A 444 3.93 36.97 32.03
CA PRO A 444 3.49 36.80 30.65
C PRO A 444 4.47 35.86 29.96
N SER A 445 4.00 35.12 28.98
CA SER A 445 4.89 34.25 28.22
C SER A 445 5.73 35.10 27.27
N GLU A 446 7.03 34.81 27.22
CA GLU A 446 7.90 35.40 26.21
C GLU A 446 8.04 34.39 25.09
N PHE A 447 7.17 34.51 24.09
CA PHE A 447 7.04 33.49 23.06
C PHE A 447 8.05 33.65 21.94
N PRO A 448 8.89 32.62 21.71
CA PRO A 448 9.92 32.61 20.68
C PRO A 448 9.37 32.54 19.25
N HIS A 449 8.57 33.54 18.89
CA HIS A 449 7.78 33.51 17.66
C HIS A 449 8.57 33.07 16.43
N ARG A 450 9.60 33.84 16.08
CA ARG A 450 10.28 33.65 14.80
C ARG A 450 11.10 32.37 14.74
N LYS A 451 11.67 31.97 15.88
CA LYS A 451 12.50 30.77 15.91
C LYS A 451 11.67 29.53 15.60
N ILE A 452 10.45 29.47 16.14
CA ILE A 452 9.60 28.31 15.92
C ILE A 452 9.16 28.21 14.46
N VAL A 453 8.71 29.33 13.91
CA VAL A 453 8.27 29.36 12.51
C VAL A 453 9.40 28.88 11.59
N LYS A 454 10.62 29.30 11.92
CA LYS A 454 11.80 28.93 11.14
C LYS A 454 12.05 27.43 11.22
N THR A 455 11.88 26.87 12.42
CA THR A 455 12.04 25.43 12.60
C THR A 455 10.96 24.69 11.81
N LEU A 456 9.74 25.20 11.86
CA LEU A 456 8.63 24.58 11.14
C LEU A 456 8.91 24.50 9.65
N ILE A 457 9.43 25.59 9.08
CA ILE A 457 9.77 25.60 7.65
C ILE A 457 10.92 24.62 7.37
N ALA A 458 11.88 24.57 8.28
CA ALA A 458 12.99 23.63 8.16
C ALA A 458 12.46 22.20 8.17
N GLY A 459 11.59 21.91 9.13
CA GLY A 459 11.06 20.56 9.25
C GLY A 459 10.38 20.11 7.97
N ILE A 460 9.70 21.04 7.31
CA ILE A 460 9.08 20.77 6.01
C ILE A 460 10.10 20.42 4.94
N GLY A 461 11.23 21.12 4.96
CA GLY A 461 12.28 20.83 3.99
C GLY A 461 11.81 20.94 2.57
N GLU A 462 12.17 19.95 1.75
CA GLU A 462 11.86 19.97 0.33
C GLU A 462 10.60 19.21 -0.01
N ASP A 463 9.77 18.92 1.00
CA ASP A 463 8.52 18.21 0.76
C ASP A 463 7.71 18.96 -0.28
N LYS A 464 7.40 18.28 -1.38
CA LYS A 464 6.75 18.90 -2.52
C LYS A 464 5.25 19.05 -2.30
N LEU A 465 4.68 18.19 -1.47
CA LEU A 465 3.27 18.27 -1.15
C LEU A 465 3.05 19.54 -0.37
N ALA A 466 3.96 19.82 0.57
CA ALA A 466 3.91 21.06 1.33
C ALA A 466 4.09 22.29 0.44
N ALA A 467 5.04 22.21 -0.50
CA ALA A 467 5.39 23.37 -1.32
C ALA A 467 4.23 23.79 -2.22
N THR A 468 3.50 22.81 -2.74
CA THR A 468 2.52 23.04 -3.79
C THR A 468 1.13 23.43 -3.25
N PHE A 469 0.77 22.88 -2.10
CA PHE A 469 -0.55 23.11 -1.53
C PHE A 469 -0.56 24.28 -0.54
N HIS A 470 0.63 24.74 -0.14
CA HIS A 470 0.74 25.94 0.68
C HIS A 470 0.81 27.18 -0.23
N ILE A 471 -0.33 27.55 -0.79
CA ILE A 471 -0.39 28.37 -1.98
C ILE A 471 -0.16 29.87 -1.75
N GLU A 472 -0.24 30.30 -0.50
CA GLU A 472 -0.03 31.70 -0.19
C GLU A 472 1.17 31.90 0.74
N LYS A 473 1.75 33.09 0.67
CA LYS A 473 2.91 33.43 1.49
C LYS A 473 2.59 33.24 2.97
N GLY A 474 1.35 33.49 3.34
CA GLY A 474 0.96 33.41 4.74
C GLY A 474 0.20 32.14 5.11
N THR A 475 0.17 31.17 4.20
CA THR A 475 -0.56 29.93 4.47
C THR A 475 0.01 29.26 5.73
N LEU A 476 1.33 29.17 5.79
CA LEU A 476 1.97 28.55 6.95
C LEU A 476 1.58 29.25 8.25
N CYS A 477 1.40 30.56 8.18
CA CYS A 477 1.01 31.34 9.36
C CYS A 477 -0.35 30.87 9.88
N GLN A 478 -1.18 30.40 8.97
CA GLN A 478 -2.54 29.98 9.31
C GLN A 478 -2.54 28.67 10.07
N GLY A 479 -1.37 28.03 10.15
CA GLY A 479 -1.24 26.82 10.93
C GLY A 479 -1.44 27.10 12.40
N CYS A 480 -1.35 28.37 12.79
CA CYS A 480 -1.67 28.78 14.14
C CYS A 480 -2.68 29.92 14.14
N HIS A 481 -2.49 30.85 13.20
CA HIS A 481 -3.42 31.97 13.05
C HIS A 481 -4.60 31.52 12.17
N HIS A 482 -5.52 30.76 12.75
CA HIS A 482 -6.61 30.15 11.98
C HIS A 482 -7.83 31.05 11.90
N ASN A 483 -8.68 30.80 10.91
CA ASN A 483 -9.96 31.49 10.78
C ASN A 483 -9.84 32.97 10.42
N SER A 484 -8.68 33.36 9.89
CA SER A 484 -8.52 34.68 9.28
C SER A 484 -7.68 34.53 8.03
N PRO A 485 -7.82 35.46 7.07
CA PRO A 485 -7.05 35.36 5.83
C PRO A 485 -5.53 35.35 6.01
N ALA A 486 -4.86 34.68 5.07
CA ALA A 486 -3.40 34.64 5.06
C ALA A 486 -2.86 36.07 5.03
N SER A 487 -2.05 36.42 6.01
CA SER A 487 -1.59 37.79 6.15
C SER A 487 -0.30 37.93 6.96
N LEU A 488 0.41 39.03 6.72
CA LEU A 488 1.64 39.33 7.46
C LEU A 488 1.26 39.87 8.84
N THR A 489 0.01 40.27 9.00
CA THR A 489 -0.45 40.88 10.24
C THR A 489 -1.76 40.28 10.74
N PRO A 490 -1.71 39.02 11.25
CA PRO A 490 -2.93 38.38 11.76
C PRO A 490 -3.40 39.01 13.06
N PRO A 491 -4.70 38.90 13.37
CA PRO A 491 -5.26 39.45 14.60
C PRO A 491 -4.79 38.67 15.83
N LYS A 492 -4.95 39.27 17.01
CA LYS A 492 -4.65 38.60 18.26
C LYS A 492 -5.65 37.47 18.47
N CYS A 493 -5.23 36.43 19.21
CA CYS A 493 -6.14 35.34 19.56
C CYS A 493 -7.33 35.88 20.34
N ALA A 494 -7.07 36.90 21.16
CA ALA A 494 -8.10 37.46 22.02
C ALA A 494 -9.22 38.09 21.21
N SER A 495 -8.98 38.35 19.93
CA SER A 495 -10.00 38.97 19.10
C SER A 495 -11.18 38.03 18.88
N CYS A 496 -10.96 36.73 19.11
CA CYS A 496 -12.03 35.75 18.97
C CYS A 496 -12.25 34.88 20.21
N HIS A 497 -11.23 34.78 21.06
CA HIS A 497 -11.29 33.86 22.19
C HIS A 497 -11.42 34.55 23.54
N GLY A 498 -12.19 33.92 24.43
CA GLY A 498 -12.20 34.25 25.84
C GLY A 498 -12.05 35.71 26.19
N LYS A 499 -12.90 36.57 25.65
CA LYS A 499 -12.83 37.99 25.93
C LYS A 499 -13.86 38.48 26.95
N PRO A 500 -15.12 38.01 26.85
CA PRO A 500 -15.68 37.07 25.88
C PRO A 500 -15.94 37.71 24.52
N ASP A 507 -19.00 25.92 21.00
CA ASP A 507 -18.56 27.16 20.37
C ASP A 507 -17.04 27.25 20.28
N ARG A 508 -16.42 28.00 21.19
CA ARG A 508 -14.98 28.21 21.17
C ARG A 508 -14.39 28.20 22.58
N PRO A 509 -13.11 27.81 22.70
CA PRO A 509 -12.48 27.79 24.03
C PRO A 509 -12.16 29.20 24.50
N GLY A 510 -12.05 29.39 25.80
CA GLY A 510 -11.58 30.66 26.32
C GLY A 510 -10.12 30.86 26.00
N LEU A 511 -9.60 32.04 26.29
CA LEU A 511 -8.26 32.40 25.86
C LEU A 511 -7.16 31.50 26.46
N LYS A 512 -7.25 31.21 27.76
CA LYS A 512 -6.26 30.34 28.39
C LYS A 512 -6.31 28.94 27.77
N ALA A 513 -7.52 28.41 27.59
CA ALA A 513 -7.69 27.10 26.98
C ALA A 513 -7.18 27.13 25.54
N ALA A 514 -7.47 28.22 24.84
CA ALA A 514 -7.03 28.36 23.46
C ALA A 514 -5.52 28.26 23.39
N TYR A 515 -4.82 28.99 24.25
CA TYR A 515 -3.35 28.92 24.26
C TYR A 515 -2.88 27.52 24.63
N HIS A 516 -3.37 26.99 25.74
CA HIS A 516 -2.82 25.72 26.21
C HIS A 516 -3.03 24.65 25.16
N GLN A 517 -4.23 24.58 24.58
CA GLN A 517 -4.53 23.55 23.60
C GLN A 517 -3.64 23.67 22.37
N GLN A 518 -3.39 24.91 21.95
CA GLN A 518 -2.58 25.11 20.74
C GLN A 518 -1.10 24.82 21.00
N CYS A 519 -0.56 25.42 22.06
CA CYS A 519 0.84 25.26 22.39
C CYS A 519 1.15 23.79 22.72
N MET A 520 0.50 23.28 23.76
CA MET A 520 0.76 21.92 24.23
C MET A 520 0.41 20.90 23.15
N GLY A 521 -0.66 21.19 22.41
CA GLY A 521 -1.12 20.25 21.39
C GLY A 521 -0.09 20.00 20.31
N CYS A 522 0.46 21.08 19.77
CA CYS A 522 1.48 20.95 18.73
C CYS A 522 2.70 20.23 19.25
N HIS A 523 3.15 20.58 20.45
CA HIS A 523 4.36 19.96 20.99
C HIS A 523 4.17 18.45 21.09
N ASP A 524 2.98 18.01 21.50
CA ASP A 524 2.70 16.58 21.57
C ASP A 524 2.74 15.94 20.18
N ARG A 525 2.14 16.61 19.21
CA ARG A 525 2.03 16.05 17.85
C ARG A 525 3.37 16.07 17.12
N MET A 526 4.23 17.02 17.48
CA MET A 526 5.54 17.13 16.85
C MET A 526 6.62 16.40 17.67
N LYS A 527 6.21 15.84 18.80
CA LYS A 527 7.13 15.10 19.66
C LYS A 527 8.20 16.04 20.22
N ILE A 528 7.84 17.30 20.42
CA ILE A 528 8.76 18.26 21.05
C ILE A 528 8.97 17.86 22.50
N GLU A 529 10.23 17.65 22.87
CA GLU A 529 10.54 17.18 24.21
C GLU A 529 10.59 18.35 25.18
N LYS A 530 11.35 19.37 24.82
CA LYS A 530 11.43 20.58 25.65
C LYS A 530 10.78 21.76 24.97
N PRO A 531 9.92 22.50 25.69
CA PRO A 531 9.57 22.27 27.09
C PRO A 531 8.58 21.11 27.23
N ALA A 532 8.51 20.53 28.42
CA ALA A 532 7.50 19.53 28.71
C ALA A 532 6.20 20.25 29.10
N ASN A 533 5.07 19.66 28.74
CA ASN A 533 3.77 20.25 29.03
C ASN A 533 3.51 20.34 30.53
N THR A 534 4.23 19.52 31.29
CA THR A 534 4.13 19.52 32.75
C THR A 534 5.03 20.60 33.38
N ALA A 535 5.91 21.18 32.59
CA ALA A 535 6.84 22.19 33.09
C ALA A 535 6.18 23.57 33.14
N CYS A 536 5.48 23.84 34.24
CA CYS A 536 4.58 25.00 34.31
C CYS A 536 5.27 26.37 34.34
N VAL A 537 6.59 26.41 34.29
CA VAL A 537 7.29 27.69 34.30
C VAL A 537 8.14 27.94 33.07
N ASP A 538 8.32 26.91 32.25
CA ASP A 538 9.14 27.05 31.06
C ASP A 538 8.47 27.86 29.95
N CYS A 539 7.16 28.09 30.08
CA CYS A 539 6.48 28.96 29.13
C CYS A 539 6.10 30.29 29.77
N HIS A 540 5.87 30.27 31.08
CA HIS A 540 5.60 31.50 31.81
C HIS A 540 6.12 31.41 33.24
N LYS A 541 7.14 32.20 33.53
CA LYS A 541 7.90 32.08 34.77
C LYS A 541 7.07 32.35 36.01
N GLU A 542 7.57 31.88 37.15
CA GLU A 542 6.84 31.93 38.41
C GLU A 542 6.45 33.35 38.78
N ARG A 543 5.34 33.48 39.50
CA ARG A 543 4.77 34.76 39.85
C ARG A 543 5.83 35.72 40.40
N ALA A 544 6.28 35.46 41.62
CA ALA A 544 7.31 36.30 42.24
C ALA A 544 8.36 35.45 42.95
N LYS A 545 7.97 34.83 44.06
CA LYS A 545 8.88 34.03 44.88
C LYS A 545 10.11 34.82 45.32
FE HEC B . 4.48 -30.38 0.00
CHA HEC B . 1.32 -29.18 0.18
CHB HEC B . 5.46 -27.64 -1.77
CHC HEC B . 7.70 -31.54 -0.06
CHD HEC B . 3.52 -33.11 1.74
NA HEC B . 3.56 -28.60 -0.63
C1A HEC B . 2.28 -28.32 -0.41
C2A HEC B . 2.02 -27.04 -0.84
C3A HEC B . 3.19 -26.60 -1.46
C4A HEC B . 4.12 -27.62 -1.31
CMA HEC B . 3.38 -25.25 -2.15
CAA HEC B . 0.74 -26.27 -0.65
CBA HEC B . 0.69 -25.57 0.70
CGA HEC B . -0.60 -24.81 0.92
O1A HEC B . -1.04 -24.11 0.00
O2A HEC B . -1.18 -24.93 2.02
NB HEC B . 6.29 -29.78 -0.95
C1B HEC B . 6.46 -28.63 -1.60
C2B HEC B . 7.78 -28.57 -2.07
C3B HEC B . 8.43 -29.66 -1.51
C4B HEC B . 7.47 -30.37 -0.81
CMB HEC B . 8.34 -27.50 -3.02
CAB HEC B . 9.92 -30.02 -1.49
CBB HEC B . 10.72 -28.87 -0.89
NC HEC B . 5.48 -32.04 0.79
C1C HEC B . 6.78 -32.32 0.67
C2C HEC B . 7.07 -33.50 1.35
C3C HEC B . 5.86 -33.97 1.85
C4C HEC B . 4.90 -33.04 1.46
CMC HEC B . 8.46 -34.14 1.50
CAC HEC B . 5.60 -35.38 2.39
CBC HEC B . 6.26 -35.57 3.76
ND HEC B . 2.64 -31.08 0.82
C1D HEC B . 2.47 -32.20 1.48
C2D HEC B . 1.11 -32.31 1.88
C3D HEC B . 0.44 -31.22 1.35
C4D HEC B . 1.46 -30.45 0.75
CMD HEC B . 0.45 -33.38 2.74
CAD HEC B . -1.05 -30.92 1.45
CBD HEC B . -1.82 -31.25 0.17
CGD HEC B . -2.67 -32.51 0.30
O1D HEC B . -3.00 -32.89 1.44
O2D HEC B . -3.00 -33.12 -0.75
FE HEC C . 4.87 -37.49 9.05
CHA HEC C . 5.98 -36.61 12.12
CHB HEC C . 1.73 -36.48 9.93
CHC HEC C . 3.72 -38.15 5.94
CHD HEC C . 7.95 -38.55 8.20
NA HEC C . 3.95 -36.77 10.81
C1A HEC C . 4.59 -36.47 11.94
C2A HEC C . 3.68 -36.00 12.87
C3A HEC C . 2.44 -36.06 12.25
C4A HEC C . 2.69 -36.43 10.94
CMA HEC C . 1.09 -35.76 12.89
CAA HEC C . 3.95 -35.53 14.29
CBA HEC C . 4.30 -34.06 14.34
CGA HEC C . 4.63 -33.58 15.75
O1A HEC C . 3.69 -33.21 16.49
O2A HEC C . 5.83 -33.59 16.12
NB HEC C . 2.99 -37.26 8.06
C1B HEC C . 1.84 -36.88 8.61
C2B HEC C . 0.80 -36.96 7.68
C3B HEC C . 1.40 -37.38 6.49
C4B HEC C . 2.74 -37.61 6.81
CMB HEC C . -0.67 -36.67 7.88
CAB HEC C . 0.74 -37.58 5.13
CBB HEC C . 0.10 -36.26 4.68
NC HEC C . 5.72 -38.23 7.29
C1C HEC C . 5.07 -38.44 6.17
C2C HEC C . 5.95 -38.99 5.23
C3C HEC C . 7.17 -39.18 5.89
C4C HEC C . 6.97 -38.65 7.17
CMC HEC C . 5.57 -39.30 3.79
CAC HEC C . 8.51 -39.75 5.40
CBC HEC C . 8.65 -39.59 3.88
ND HEC C . 6.73 -37.52 10.02
C1D HEC C . 7.86 -37.99 9.49
C2D HEC C . 8.90 -37.84 10.40
C3D HEC C . 8.35 -37.17 11.50
C4D HEC C . 6.98 -37.08 11.25
CMD HEC C . 10.33 -38.30 10.19
CAD HEC C . 9.06 -36.62 12.72
CBD HEC C . 9.72 -35.27 12.44
CGD HEC C . 10.42 -34.69 13.66
O1D HEC C . 10.04 -35.05 14.80
O2D HEC C . 11.34 -33.87 13.48
FE HEC D . -6.86 -41.35 9.08
CHA HEC D . -8.51 -39.84 6.56
CHB HEC D . -9.67 -43.00 9.94
CHC HEC D . -5.12 -43.18 11.36
CHD HEC D . -4.08 -39.53 8.38
NA HEC D . -8.88 -41.30 8.45
C1A HEC D . -9.31 -40.67 7.38
C2A HEC D . -10.66 -40.95 7.23
C3A HEC D . -11.00 -41.84 8.24
C4A HEC D . -9.83 -42.08 8.91
CMA HEC D . -12.37 -42.43 8.58
CAA HEC D . -11.59 -40.34 6.19
CBA HEC D . -11.93 -38.89 6.49
CGA HEC D . -12.89 -38.73 7.65
O1A HEC D . -12.54 -38.04 8.63
O2A HEC D . -14.02 -39.28 7.57
NB HEC D . -7.36 -42.78 10.61
C1B HEC D . -8.55 -43.33 10.73
C2B HEC D . -8.53 -44.28 11.76
C3B HEC D . -7.17 -44.47 12.04
C4B HEC D . -6.50 -43.46 11.33
CMB HEC D . -9.79 -44.90 12.36
CAB HEC D . -6.57 -45.39 13.10
CBB HEC D . -6.80 -46.86 12.73
NC HEC D . -4.86 -41.35 9.78
C1C HEC D . -4.36 -42.16 10.71
C2C HEC D . -3.03 -41.86 10.95
C3C HEC D . -2.72 -40.77 10.11
C4C HEC D . -3.89 -40.51 9.39
CMC HEC D . -2.07 -42.57 11.94
CAC HEC D . -1.48 -39.90 10.19
CBC HEC D . -0.23 -40.69 9.76
ND HEC D . -6.32 -39.95 7.57
C1D HEC D . -5.20 -39.27 7.55
C2D HEC D . -5.30 -38.24 6.61
C3D HEC D . -6.62 -38.25 6.18
C4D HEC D . -7.19 -39.38 6.75
CMD HEC D . -4.20 -37.30 6.18
CAD HEC D . -7.38 -37.22 5.35
CBD HEC D . -8.06 -36.20 6.26
CGD HEC D . -9.13 -35.39 5.55
O1D HEC D . -8.96 -35.09 4.35
O2D HEC D . -10.13 -35.05 6.21
FE HEC E . 6.41 -8.04 -12.45
CHA HEC E . 3.85 -7.35 -10.42
CHB HEC E . 5.67 -5.31 -14.37
CHC HEC E . 9.20 -8.53 -14.27
CHD HEC E . 6.99 -10.91 -10.73
NA HEC E . 4.94 -6.56 -12.44
C1A HEC E . 4.04 -6.42 -11.46
C2A HEC E . 3.38 -5.22 -11.63
C3A HEC E . 3.84 -4.66 -12.82
C4A HEC E . 4.85 -5.51 -13.26
CMA HEC E . 3.37 -3.39 -13.51
CAA HEC E . 2.37 -4.65 -10.64
CBA HEC E . 3.06 -3.85 -9.56
CGA HEC E . 2.34 -3.94 -8.23
O1A HEC E . 1.89 -2.90 -7.72
O2A HEC E . 2.23 -5.06 -7.70
NB HEC E . 7.28 -7.09 -14.14
C1B HEC E . 6.82 -6.02 -14.76
C2B HEC E . 7.64 -5.72 -15.85
C3B HEC E . 8.75 -6.57 -15.75
C4B HEC E . 8.45 -7.44 -14.69
CMB HEC E . 7.40 -4.66 -16.92
CAB HEC E . 9.92 -6.64 -16.74
CBB HEC E . 10.77 -5.37 -16.63
NC HEC E . 7.86 -9.57 -12.55
C1C HEC E . 8.93 -9.54 -13.32
C2C HEC E . 9.70 -10.67 -13.08
C3C HEC E . 9.01 -11.42 -12.11
C4C HEC E . 7.92 -10.65 -11.76
CMC HEC E . 11.05 -10.96 -13.73
CAC HEC E . 9.18 -12.90 -11.78
CBC HEC E . 10.42 -13.11 -10.91
ND HEC E . 5.52 -9.03 -10.80
C1D HEC E . 5.89 -10.17 -10.27
C2D HEC E . 5.05 -10.51 -9.22
C3D HEC E . 4.15 -9.46 -9.10
C4D HEC E . 4.48 -8.56 -10.12
CMD HEC E . 5.13 -11.77 -8.39
CAD HEC E . 3.04 -9.29 -8.08
CBD HEC E . 3.56 -9.06 -6.67
CGD HEC E . 2.46 -8.92 -5.65
O1D HEC E . 1.29 -8.71 -6.06
O2D HEC E . 2.74 -9.00 -4.44
FE HEC F . -1.54 -16.37 -14.47
CHA HEC F . -2.60 -19.39 -15.53
CHB HEC F . 0.78 -17.90 -12.47
CHC HEC F . -0.45 -13.33 -13.47
CHD HEC F . -4.01 -14.89 -16.36
NA HEC F . -1.00 -18.36 -14.02
C1A HEC F . -1.54 -19.42 -14.61
C2A HEC F . -0.89 -20.55 -14.17
C3A HEC F . 0.12 -20.13 -13.32
C4A HEC F . -0.01 -18.76 -13.24
CMA HEC F . 1.16 -20.97 -12.60
CAA HEC F . -1.27 -21.97 -14.58
CBA HEC F . -0.44 -22.49 -15.73
CGA HEC F . 0.97 -22.81 -15.32
O1A HEC F . 1.81 -21.89 -15.31
O2A HEC F . 1.26 -23.99 -15.01
NB HEC F . -0.04 -15.70 -13.17
C1B HEC F . 0.78 -16.48 -12.43
C2B HEC F . 1.61 -15.70 -11.67
C3B HEC F . 1.27 -14.37 -11.96
C4B HEC F . 0.24 -14.44 -12.89
CMB HEC F . 2.68 -16.18 -10.70
CAB HEC F . 1.83 -13.09 -11.35
CBB HEC F . 3.34 -12.99 -11.64
NC HEC F . -2.16 -14.37 -14.85
C1C HEC F . -1.58 -13.30 -14.34
C2C HEC F . -2.25 -12.18 -14.80
C3C HEC F . -3.29 -12.64 -15.62
C4C HEC F . -3.18 -14.01 -15.63
CMC HEC F . -1.92 -10.73 -14.47
CAC HEC F . -4.39 -11.84 -16.31
CBC HEC F . -3.78 -10.82 -17.26
ND HEC F . -3.07 -17.03 -15.80
C1D HEC F . -3.96 -16.29 -16.45
C2D HEC F . -4.79 -17.11 -17.19
C3D HEC F . -4.44 -18.40 -16.89
C4D HEC F . -3.34 -18.31 -16.06
CMD HEC F . -5.88 -16.67 -18.16
CAD HEC F . -5.14 -19.65 -17.41
CBD HEC F . -4.53 -20.13 -18.72
CGD HEC F . -5.38 -21.16 -19.42
O1D HEC F . -4.82 -22.21 -19.82
O2D HEC F . -6.60 -20.94 -19.57
FE HEC G . 11.71 -15.04 -6.10
CHA HEC G . 14.58 -14.19 -4.39
CHB HEC G . 9.87 -14.37 -3.39
CHC HEC G . 8.86 -15.65 -7.86
CHD HEC G . 13.55 -16.05 -8.71
NA HEC G . 12.18 -14.42 -4.15
C1A HEC G . 13.37 -14.07 -3.66
C2A HEC G . 13.22 -13.56 -2.37
C3A HEC G . 11.88 -13.75 -2.07
C4A HEC G . 11.26 -14.20 -3.22
CMA HEC G . 11.22 -13.51 -0.74
CAA HEC G . 14.25 -12.91 -1.46
CBA HEC G . 14.92 -13.89 -0.52
CGA HEC G . 15.91 -13.24 0.43
O1A HEC G . 16.16 -12.02 0.27
O2A HEC G . 16.44 -13.94 1.32
NB HEC G . 9.61 -14.98 -5.69
C1B HEC G . 9.09 -14.71 -4.51
C2B HEC G . 7.68 -14.79 -4.59
C3B HEC G . 7.39 -15.05 -5.94
C4B HEC G . 8.64 -15.23 -6.54
CMB HEC G . 6.71 -14.62 -3.44
CAB HEC G . 6.05 -15.22 -6.66
CBB HEC G . 5.03 -14.22 -6.12
NC HEC G . 11.26 -15.79 -7.99
C1C HEC G . 10.06 -15.94 -8.52
C2C HEC G . 10.17 -16.46 -9.80
C3C HEC G . 11.54 -16.63 -10.06
C4C HEC G . 12.15 -16.16 -8.90
CMC HEC G . 8.98 -16.77 -10.70
CAC HEC G . 12.30 -17.05 -11.33
CBC HEC G . 11.38 -17.03 -12.55
ND HEC G . 13.78 -15.17 -6.46
C1D HEC G . 14.30 -15.53 -7.64
C2D HEC G . 15.66 -15.29 -7.63
C3D HEC G . 15.94 -14.69 -6.43
C4D HEC G . 14.75 -14.67 -5.71
CMD HEC G . 16.71 -15.57 -8.71
CAD HEC G . 17.30 -14.16 -6.03
CBD HEC G . 17.43 -12.67 -6.30
CGD HEC G . 18.76 -12.13 -5.87
O1D HEC G . 19.76 -12.40 -6.58
O2D HEC G . 18.83 -11.43 -4.84
FE HEC H . 2.33 -19.85 0.50
CHA HEC H . -0.57 -18.18 -0.22
CHB HEC H . 0.74 -21.71 2.76
CHC HEC H . 5.10 -21.73 0.82
CHD HEC H . 4.09 -17.56 -1.31
NA HEC H . 0.36 -19.86 1.23
C1A HEC H . -0.67 -19.19 0.77
C2A HEC H . -1.80 -19.63 1.44
C3A HEC H . -1.37 -20.43 2.48
C4A HEC H . -0.05 -20.70 2.17
CMA HEC H . -2.15 -20.93 3.69
CAA HEC H . -3.24 -19.29 1.12
CBA HEC H . -3.75 -18.13 1.94
CGA HEC H . -5.17 -17.77 1.57
O1A HEC H . -5.42 -16.57 1.32
O2A HEC H . -6.02 -18.68 1.54
NB HEC H . 2.83 -21.55 1.56
C1B HEC H . 2.03 -22.15 2.44
C2B HEC H . 2.65 -23.28 2.95
C3B HEC H . 3.89 -23.35 2.29
C4B HEC H . 3.98 -22.20 1.52
CMB HEC H . 2.07 -24.20 4.00
CAB HEC H . 4.93 -24.46 2.43
CBB HEC H . 4.41 -25.74 1.76
NC HEC H . 4.36 -19.60 -0.06
C1C HEC H . 5.31 -20.50 0.16
C2C HEC H . 6.53 -20.03 -0.35
C3C HEC H . 6.24 -18.76 -0.90
C4C HEC H . 4.87 -18.59 -0.77
CMC HEC H . 7.86 -20.76 -0.29
CAC HEC H . 7.23 -17.70 -1.36
CBC HEC H . 7.93 -18.13 -2.64
ND HEC H . 1.82 -18.14 -0.64
C1D HEC H . 2.68 -17.37 -1.30
C2D HEC H . 1.98 -16.38 -1.98
C3D HEC H . 0.63 -16.60 -1.71
C4D HEC H . 0.58 -17.67 -0.83
CMD HEC H . 2.62 -15.28 -2.83
CAD HEC H . -0.58 -15.85 -2.23
CBD HEC H . -1.05 -14.82 -1.26
CGD HEC H . 0.11 -14.03 -0.68
O1D HEC H . 0.59 -14.38 0.42
O2D HEC H . 0.55 -13.06 -1.36
FE HEC I . -0.76 4.50 -12.46
CHA HEC I . -2.92 5.82 -14.78
CHB HEC I . 0.34 2.29 -14.66
CHC HEC I . 1.62 3.48 -10.21
CHD HEC I . -2.14 6.48 -10.09
NA HEC I . -1.25 4.11 -14.45
C1A HEC I . -2.07 4.78 -15.24
C2A HEC I . -1.95 4.31 -16.53
C3A HEC I . -1.11 3.20 -16.47
C4A HEC I . -0.64 3.17 -15.16
CMA HEC I . -0.78 2.23 -17.61
CAA HEC I . -2.64 4.89 -17.75
CBA HEC I . -3.79 4.02 -18.21
CGA HEC I . -4.58 4.63 -19.35
O1A HEC I . -5.14 3.85 -20.15
O2A HEC I . -4.65 5.87 -19.46
NB HEC I . 0.77 3.04 -12.41
C1B HEC I . 1.02 2.24 -13.42
C2B HEC I . 2.04 1.37 -13.08
C3B HEC I . 2.52 1.82 -11.84
C4B HEC I . 1.63 2.81 -11.46
CMB HEC I . 2.53 0.19 -13.92
CAB HEC I . 3.66 1.25 -10.98
CBB HEC I . 4.98 1.29 -11.76
NC HEC I . -0.35 4.88 -10.43
C1C HEC I . 0.67 4.41 -9.71
C2C HEC I . 0.63 4.96 -8.42
C3C HEC I . -0.51 5.77 -8.37
C4C HEC I . -1.04 5.72 -9.66
CMC HEC I . 1.63 4.69 -7.30
CAC HEC I . -1.15 6.51 -7.20
CBC HEC I . -0.13 7.42 -6.51
ND HEC I . -2.30 5.94 -12.43
C1D HEC I . -2.70 6.61 -11.37
C2D HEC I . -3.76 7.45 -11.73
C3D HEC I . -3.96 7.28 -13.08
C4D HEC I . -3.04 6.32 -13.48
CMD HEC I . -4.60 8.37 -10.84
CAD HEC I . -4.98 7.96 -13.96
CBD HEC I . -6.09 7.02 -14.34
CGD HEC I . -7.27 7.72 -14.98
O1D HEC I . -8.42 7.29 -14.71
O2D HEC I . -7.04 8.68 -15.73
FE HEC J . -11.38 1.72 -7.17
CHA HEC J . -13.22 1.52 -4.35
CHB HEC J . -9.68 4.39 -5.84
CHC HEC J . -9.55 2.01 -9.98
CHD HEC J . -13.22 -0.76 -8.59
NA HEC J . -11.39 2.75 -5.31
C1A HEC J . -12.28 2.56 -4.34
C2A HEC J . -12.12 3.53 -3.34
C3A HEC J . -11.15 4.39 -3.83
C4A HEC J . -10.70 3.85 -5.02
CMA HEC J . -10.65 5.68 -3.21
CAA HEC J . -12.85 3.63 -2.01
CBA HEC J . -12.02 3.08 -0.85
CGA HEC J . -12.68 3.35 0.50
O1A HEC J . -13.86 3.76 0.52
O2A HEC J . -12.01 3.16 1.54
NB HEC J . -9.87 3.08 -7.86
C1B HEC J . -9.30 4.04 -7.15
C2B HEC J . -8.29 4.65 -7.90
C3B HEC J . -8.15 3.88 -9.07
C4B HEC J . -9.21 2.96 -9.00
CMB HEC J . -7.54 5.89 -7.45
CAB HEC J . -7.25 4.14 -10.27
CBB HEC J . -5.78 4.03 -9.85
NC HEC J . -11.35 0.72 -9.00
C1C HEC J . -10.55 1.02 -10.02
C2C HEC J . -10.86 0.22 -11.12
C3C HEC J . -11.95 -0.54 -10.72
C4C HEC J . -12.22 -0.21 -9.41
CMC HEC J . -10.18 0.17 -12.50
CAC HEC J . -12.72 -1.56 -11.57
CBC HEC J . -11.79 -2.71 -11.97
ND HEC J . -12.97 0.48 -6.53
C1D HEC J . -13.51 -0.50 -7.23
C2D HEC J . -14.36 -1.22 -6.41
C3D HEC J . -14.42 -0.52 -5.21
C4D HEC J . -13.53 0.54 -5.32
CMD HEC J . -15.05 -2.52 -6.77
CAD HEC J . -15.29 -0.87 -4.03
CBD HEC J . -14.71 -2.01 -3.21
CGD HEC J . -13.35 -1.66 -2.65
O1D HEC J . -13.28 -0.83 -1.72
O2D HEC J . -12.33 -2.22 -3.14
FE HEC K . -0.05 13.17 -4.59
CHA HEC K . 2.55 15.25 -4.20
CHB HEC K . -1.53 15.41 -6.65
CHC HEC K . -2.42 10.84 -5.43
CHD HEC K . 1.38 10.87 -2.57
NA HEC K . 0.35 15.18 -5.17
C1A HEC K . 1.48 15.79 -4.96
C2A HEC K . 1.47 17.05 -5.59
C3A HEC K . 0.24 17.15 -6.22
C4A HEC K . -0.36 15.90 -6.04
CMA HEC K . -0.34 18.37 -6.96
CAA HEC K . 2.63 18.02 -5.58
CBA HEC K . 3.76 17.56 -6.50
CGA HEC K . 3.25 16.98 -7.81
O1A HEC K . 3.54 15.81 -8.12
O2A HEC K . 2.55 17.71 -8.54
NB HEC K . -1.76 13.14 -5.77
C1B HEC K . -2.18 14.17 -6.52
C2B HEC K . -3.34 13.83 -7.15
C3B HEC K . -3.55 12.47 -6.89
C4B HEC K . -2.57 12.10 -6.01
CMB HEC K . -4.20 14.80 -7.98
CAB HEC K . -4.80 11.64 -7.21
CBB HEC K . -4.91 11.40 -8.71
NC HEC K . -0.54 11.16 -3.94
C1C HEC K . -1.53 10.41 -4.43
C2C HEC K . -1.55 9.17 -3.79
C3C HEC K . -0.43 9.14 -2.95
C4C HEC K . 0.18 10.40 -3.13
CMC HEC K . -2.63 8.12 -4.03
CAC HEC K . 0.03 8.09 -1.95
CBC HEC K . -0.42 6.69 -2.36
ND HEC K . 1.62 13.16 -3.38
C1D HEC K . 2.09 12.07 -2.75
C2D HEC K . 3.35 12.31 -2.32
C3D HEC K . 3.77 13.43 -3.04
C4D HEC K . 2.63 14.00 -3.56
CMD HEC K . 4.14 11.49 -1.30
CAD HEC K . 5.20 13.89 -3.27
CBD HEC K . 5.80 13.29 -4.54
CGD HEC K . 5.49 14.08 -5.80
O1D HEC K . 4.76 13.57 -6.68
O2D HEC K . 5.98 15.23 -5.93
FE HEC L . 0.31 21.98 5.24
CHA HEC L . -2.55 22.81 3.68
CHB HEC L . 0.68 19.27 3.27
CHC HEC L . 3.08 21.10 6.95
CHD HEC L . -0.21 24.61 7.43
NA HEC L . -0.69 21.24 3.60
C1A HEC L . -1.89 21.68 3.18
C2A HEC L . -2.39 20.85 2.20
C3A HEC L . -1.45 19.81 2.11
C4A HEC L . -0.44 20.09 3.00
CMA HEC L . -1.53 18.59 1.20
CAA HEC L . -3.67 21.02 1.39
CBA HEC L . -4.77 20.07 1.83
CGA HEC L . -5.13 20.24 3.28
O1A HEC L . -4.70 19.40 4.10
O2A HEC L . -5.83 21.21 3.61
NB HEC L . 1.73 20.42 5.09
C1B HEC L . 1.67 19.42 4.25
C2B HEC L . 2.71 18.54 4.48
C3B HEC L . 3.43 19.07 5.55
C4B HEC L . 2.76 20.24 5.90
CMB HEC L . 2.92 17.28 3.67
CAB HEC L . 4.65 18.46 6.26
CBB HEC L . 5.75 18.15 5.24
NC HEC L . 1.28 22.76 6.91
C1C HEC L . 2.43 22.26 7.44
C2C HEC L . 2.84 23.01 8.50
C3C HEC L . 1.94 24.07 8.59
C4C HEC L . 0.97 23.83 7.63
CMC HEC L . 4.02 22.79 9.45
CAC HEC L . 1.90 25.05 9.74
CBC HEC L . 3.17 25.91 9.76
ND HEC L . -1.13 23.54 5.48
C1D HEC L . -1.18 24.47 6.42
C2D HEC L . -2.31 25.27 6.25
C3D HEC L . -2.96 24.82 5.10
C4D HEC L . -2.23 23.69 4.71
CMD HEC L . -2.73 26.43 7.19
CAD HEC L . -4.19 25.43 4.44
CBD HEC L . -5.44 24.59 4.62
CGD HEC L . -6.63 25.08 3.79
O1D HEC L . -6.65 26.26 3.39
O2D HEC L . -7.55 24.27 3.52
FE HEC M . -11.63 17.09 -7.11
CHA HEC M . -12.92 14.95 -9.57
CHB HEC M . -14.67 18.44 -6.71
CHC HEC M . -10.39 19.19 -4.69
CHD HEC M . -8.63 15.72 -7.49
NA HEC M . -13.49 16.76 -8.04
C1A HEC M . -13.84 15.81 -8.92
C2A HEC M . -15.21 15.80 -9.09
C3A HEC M . -15.70 16.82 -8.29
C4A HEC M . -14.60 17.38 -7.64
CMA HEC M . -17.17 17.22 -8.15
CAA HEC M . -16.08 14.90 -9.94
CBA HEC M . -16.01 15.22 -11.43
CGA HEC M . -16.69 16.52 -11.79
O1A HEC M . -17.78 16.78 -11.24
O2A HEC M . -16.14 17.28 -12.62
NB HEC M . -12.39 18.67 -5.97
C1B HEC M . -13.67 19.06 -5.97
C2B HEC M . -13.82 20.16 -5.12
C3B HEC M . -12.58 20.33 -4.49
C4B HEC M . -11.75 19.38 -5.04
CMB HEC M . -15.10 20.98 -4.93
CAB HEC M . -12.17 21.32 -3.41
CBB HEC M . -13.07 21.16 -2.17
NC HEC M . -9.77 17.42 -6.22
C1C HEC M . -9.46 18.31 -5.27
C2C HEC M . -8.12 18.26 -4.96
C3C HEC M . -7.63 17.17 -5.69
C4C HEC M . -8.68 16.74 -6.50
CMC HEC M . -7.33 19.19 -4.05
CAC HEC M . -6.14 16.85 -5.89
CBC HEC M . -5.52 16.37 -4.58
ND HEC M . -10.90 15.56 -8.37
C1D HEC M . -9.62 15.18 -8.35
C2D HEC M . -9.43 14.21 -9.31
C3D HEC M . -10.64 14.06 -10.00
C4D HEC M . -11.54 14.86 -9.31
CMD HEC M . -8.12 13.45 -9.52
CAD HEC M . -10.98 13.23 -11.23
CBD HEC M . -10.73 13.98 -12.54
CGD HEC M . -11.83 14.97 -12.88
O1D HEC M . -11.54 16.18 -12.96
O2D HEC M . -13.00 14.54 -13.08
FE HEC N . 2.31 34.48 14.59
CHA HEC N . 1.40 36.68 17.10
CHB HEC N . 2.59 36.98 12.52
CHC HEC N . 3.31 32.27 12.08
CHD HEC N . 1.85 31.93 16.63
NA HEC N . 2.29 36.58 14.86
C1A HEC N . 1.78 37.27 15.88
C2A HEC N . 1.68 38.62 15.57
C3A HEC N . 2.03 38.70 14.23
C4A HEC N . 2.31 37.41 13.83
CMA HEC N . 2.06 39.96 13.38
CAA HEC N . 1.29 39.73 16.51
CBA HEC N . -0.22 39.88 16.64
CGA HEC N . -0.62 40.85 17.73
O1A HEC N . -1.58 41.62 17.54
O2A HEC N . 0.04 40.83 18.81
NB HEC N . 2.81 34.56 12.59
C1B HEC N . 2.80 35.71 11.94
C2B HEC N . 3.02 35.49 10.60
C3B HEC N . 3.40 34.15 10.48
C4B HEC N . 3.18 33.61 11.73
CMB HEC N . 2.91 36.50 9.47
CAB HEC N . 3.70 33.41 9.17
CBB HEC N . 5.02 33.89 8.58
NC HEC N . 2.66 32.38 14.40
C1C HEC N . 2.99 31.69 13.32
C2C HEC N . 2.94 30.32 13.59
C3C HEC N . 2.56 30.22 14.93
C4C HEC N . 2.34 31.54 15.37
CMC HEC N . 3.23 29.21 12.57
CAC HEC N . 2.25 28.93 15.68
CBC HEC N . 3.52 28.10 15.85
ND HEC N . 1.78 34.35 16.63
C1D HEC N . 1.58 33.19 17.23
C2D HEC N . 1.09 33.41 18.53
C3D HEC N . 0.95 34.81 18.64
C4D HEC N . 1.39 35.31 17.44
CMD HEC N . 0.76 32.39 19.60
CAD HEC N . 0.40 35.59 19.82
CBD HEC N . -0.93 36.24 19.51
CGD HEC N . -1.70 36.63 20.75
O1D HEC N . -1.12 36.57 21.86
O2D HEC N . -2.89 37.02 20.62
FE HEC O . -9.16 30.01 17.56
CHA HEC O . -11.15 27.33 18.14
CHB HEC O . -6.75 28.67 19.46
CHC HEC O . -7.17 32.71 16.95
CHD HEC O . -11.74 31.55 15.99
NA HEC O . -8.92 28.16 18.51
C1A HEC O . -9.84 27.22 18.63
C2A HEC O . -9.30 26.13 19.28
C3A HEC O . -8.07 26.55 19.76
C4A HEC O . -7.87 27.83 19.25
CMA HEC O . -7.11 25.75 20.65
CAA HEC O . -9.95 24.77 19.39
CBA HEC O . -9.76 23.95 18.14
CGA HEC O . -10.40 22.58 18.24
O1A HEC O . -10.37 21.98 19.34
O2A HEC O . -10.91 22.09 17.20
NB HEC O . -7.23 30.64 18.16
C1B HEC O . -6.41 29.93 18.91
C2B HEC O . -5.20 30.63 19.07
C3B HEC O . -5.27 31.75 18.24
C4B HEC O . -6.57 31.73 17.75
CMB HEC O . -4.05 30.23 19.99
CAB HEC O . -4.22 32.84 18.08
CBB HEC O . -2.96 32.26 17.45
NC HEC O . -9.37 31.81 16.47
C1C HEC O . -8.48 32.79 16.43
C2C HEC O . -9.03 33.91 15.82
C3C HEC O . -10.35 33.55 15.48
C4C HEC O . -10.52 32.27 15.98
CMC HEC O . -8.33 35.25 15.59
CAC HEC O . -11.46 34.42 14.88
CBC HEC O . -11.04 34.95 13.50
ND HEC O . -11.18 29.52 17.12
C1D HEC O . -12.05 30.28 16.47
C2D HEC O . -13.27 29.61 16.34
C3D HEC O . -13.06 28.38 16.93
C4D HEC O . -11.77 28.37 17.43
CMD HEC O . -14.56 30.11 15.66
CAD HEC O . -14.01 27.20 17.02
CBD HEC O . -13.72 26.19 15.94
CGD HEC O . -13.68 26.84 14.57
O1D HEC O . -12.58 27.03 14.02
O2D HEC O . -14.77 27.15 14.06
FE HEC P . 6.44 25.68 20.91
CHA HEC P . 9.78 25.23 21.07
CHB HEC P . 6.69 27.76 23.65
CHC HEC P . 3.29 26.80 20.34
CHD HEC P . 6.35 24.19 17.84
NA HEC P . 8.03 26.34 22.23
C1A HEC P . 9.28 25.94 22.16
C2A HEC P . 9.97 26.30 23.31
C3A HEC P . 9.10 27.13 24.01
C4A HEC P . 7.90 27.10 23.31
CMA HEC P . 9.41 27.92 25.27
CAA HEC P . 11.36 25.89 23.76
CBA HEC P . 12.44 26.15 22.72
CGA HEC P . 13.03 27.55 22.81
O1A HEC P . 12.45 28.39 23.54
O2A HEC P . 14.05 27.82 22.15
NB HEC P . 5.22 27.17 21.77
C1B HEC P . 5.45 27.78 22.95
C2B HEC P . 4.30 28.43 23.38
C3B HEC P . 3.35 28.22 22.39
C4B HEC P . 3.93 27.37 21.46
CMB HEC P . 4.15 29.18 24.71
CAB HEC P . 2.07 28.76 22.29
CBB HEC P . 1.76 30.12 22.74
NC HEC P . 5.03 25.54 19.29
C1C HEC P . 3.78 25.96 19.33
C2C HEC P . 3.03 25.47 18.27
C3C HEC P . 3.91 24.66 17.55
C4C HEC P . 5.13 24.78 18.22
CMC HEC P . 1.55 25.75 18.00
CAC HEC P . 3.71 23.87 16.42
CBC HEC P . 2.63 24.04 15.43
ND HEC P . 7.81 24.85 19.66
C1D HEC P . 7.59 24.28 18.47
C2D HEC P . 8.77 23.81 17.94
C3D HEC P . 9.75 24.15 18.85
C4D HEC P . 9.13 24.77 19.91
CMD HEC P . 8.96 23.06 16.62
CAD HEC P . 11.24 23.90 18.69
CBD HEC P . 11.99 25.13 18.21
CGD HEC P . 13.49 25.03 18.44
O1D HEC P . 14.23 24.69 17.49
O2D HEC P . 13.93 25.27 19.58
FE HEC Q . 0.14 27.98 30.95
CHA HEC Q . -1.59 30.84 30.51
CHB HEC Q . -1.10 27.60 34.05
CHC HEC Q . 1.96 25.16 31.33
CHD HEC Q . 1.62 28.45 27.87
NA HEC Q . -1.21 29.02 32.09
C1A HEC Q . -1.79 30.18 31.75
C2A HEC Q . -2.58 30.61 32.80
C3A HEC Q . -2.41 29.69 33.83
C4A HEC Q . -1.56 28.73 33.34
CMA HEC Q . -3.02 29.75 35.23
CAA HEC Q . -3.48 31.81 32.88
CBA HEC Q . -2.71 33.11 33.04
CGA HEC Q . -2.23 33.35 34.46
O1A HEC Q . -3.03 33.18 35.40
O2A HEC Q . -1.04 33.70 34.63
NB HEC Q . 0.35 26.51 32.46
C1B HEC Q . -0.21 26.58 33.66
C2B HEC Q . 0.20 25.51 34.45
C3B HEC Q . 1.06 24.77 33.65
C4B HEC Q . 1.15 25.47 32.44
CMB HEC Q . -0.22 25.26 35.89
CAB HEC Q . 1.79 23.48 34.02
CBB HEC Q . 0.85 22.28 33.83
NC HEC Q . 1.53 26.97 29.74
C1C HEC Q . 2.14 25.84 30.10
C2C HEC Q . 2.98 25.39 29.11
C3C HEC Q . 2.94 26.37 28.11
C4C HEC Q . 2.02 27.30 28.56
CMC HEC Q . 3.77 24.08 29.13
CAC HEC Q . 3.86 26.52 26.89
CBC HEC Q . 3.84 25.25 26.04
ND HEC Q . -0.04 29.38 29.36
C1D HEC Q . 0.68 29.42 28.26
C2D HEC Q . 0.41 30.60 27.55
C3D HEC Q . -0.44 31.32 28.37
C4D HEC Q . -0.73 30.51 29.45
CMD HEC Q . 0.94 30.98 26.18
CAD HEC Q . -0.92 32.75 28.20
CBD HEC Q . -0.08 33.76 28.99
CGD HEC Q . -0.84 35.03 29.34
O1D HEC Q . -0.69 35.51 30.49
O2D HEC Q . -1.57 35.56 28.48
#